data_9CBM
#
_entry.id   9CBM
#
_cell.length_a   1.00
_cell.length_b   1.00
_cell.length_c   1.00
_cell.angle_alpha   90.00
_cell.angle_beta   90.00
_cell.angle_gamma   90.00
#
_symmetry.space_group_name_H-M   'P 1'
#
loop_
_entity.id
_entity.type
_entity.pdbx_description
1 polymer 'Guanine nucleotide-binding protein G(i) subunit alpha-1'
2 polymer 'Guanine nucleotide-binding protein G(I)/G(S)/G(T) subunit beta-1'
3 polymer 'Guanine nucleotide-binding protein G(I)/G(S)/G(O) subunit gamma-2'
4 polymer 'Endolysin,Alpha-2A adrenergic receptor'
5 non-polymer 4-[(1~{S})-1-(2,3-dimethylphenyl)ethyl]-1~{H}-imidazole
#
loop_
_entity_poly.entity_id
_entity_poly.type
_entity_poly.pdbx_seq_one_letter_code
_entity_poly.pdbx_strand_id
1 'polypeptide(L)'
;MGSSHHHHHHSSGLEVLFQGPHMASMGCTLSAEDKAAVERSKMIDRNLREDGEKAAREVKLLLLGAGESGKSTIVKQMKI
IHEAGYSEEECKQYKAVVYSNTIQSIIAIIRAMGRLKIDFGDAARADDARQLFVLAGAAEEGFMTAELAGVIKRLWKDSG
VQACFNRSREYQLNDSAAYYLNDLDRIAQPNYIPTQQDVLRTRVKTTGIVETHFTFKDLHFKMFDVGAQRSERKKWIHCF
EGVTAIIFCVALSDYDLVLAEDEEMNRMHESMKLFDSICNNKWFTDTSIILFLNKKDLFEEKIKKSPLTICYPEYAGSNT
YEEAAAYIQCQFEDLNKRKDTKEIYTHFTCATDTKNVQFVFDAVTDVIIKNNLKDCGLF
;
A
2 'polypeptide(L)'
;SELDQLRQEAEQLKNQIRDARKACADATLSQITNNIDPVGRIQMRTRRTLRGHLAKIYAMHWGTDSRLLVSASQDGKLII
WDSYTTNKVHAIPLRSSWVMTCAYAPSGNYVACGGLDNICSIYNLKTREGNVRVSRELAGHTGYLSCCRFLDDNQIVTSS
GDTTCALWDIETGQQTTTFTGHTGDVMSLSLAPDTRLFVSGACDASAKLWDVREGMCRQTFTGHESDINAICFFPNGNAF
ATGSDDATCRLFDLRADQELMTYSHDNIICGITSVSFSKSGRLLLAGYDDFNCNVWDALKADRAGVLAGHDNRVSCLGVT
DDGMAVATGSWDSFLKIWN
;
B
3 'polypeptide(L)' MASNNTASIAQARKLVEQLKMEANIDRIKVSKAAADLMAYCEAHAKEDPLLTPVPASENPFREKKFFSAIL G
4 'polypeptide(L)'
;MKTIIALSYIFCLVFADYKDDDDKNIFEMLRIDEGLRLKIYKDTEGYYTIGIGHLLTKSPSLNAAKSELDKAIGRNTNGV
ITKDEAEKLFNQDVDAAVRGILRNAKLKPVYDSLDAVRRAALINMVFQMGETGVAGFTNSLRMLQQKRWDEAAVNLAKSR
WYNQTPNRAKRVITTFRTGTWDAYAAAGGGARATPYSLQVTLTLVCLAGLLMLLTVFGNVLVIIAVFTSRALKAPQNLFL
VSLASADILVATLVIPFSLANEVMGYWYFGKAWCEIYLALDVLFCTSSIVHLCAISLDRYWSITQAIEYNLKRTPRRIKA
IIITVWVISAVISFPPLISIEKKGGGGGPQPAEPRCEINDQKWYVISSCIGSFFAPCLIMILVYVRIYQIAKRRTRQNRE
KRFTFVLAVVIGVFVVCWFPFFFTYTLTAVGCSVPRTLFKFFFWFGYCNSSLNPVIYTIFNHDFRRAFKKILCRGDASLE
VLFQ
;
R
#
# COMPACT_ATOMS: atom_id res chain seq x y z
N ALA A 36 -15.60 10.14 -27.92
CA ALA A 36 -16.70 9.43 -27.27
C ALA A 36 -16.22 8.76 -25.99
N ALA A 37 -15.86 7.48 -26.08
CA ALA A 37 -15.36 6.77 -24.92
C ALA A 37 -14.08 7.42 -24.39
N VAL A 38 -13.24 7.90 -25.29
CA VAL A 38 -12.00 8.54 -24.87
C VAL A 38 -12.29 9.78 -24.04
N GLU A 39 -13.22 10.62 -24.51
CA GLU A 39 -13.57 11.83 -23.77
C GLU A 39 -14.22 11.49 -22.43
N ARG A 40 -15.14 10.53 -22.44
CA ARG A 40 -15.79 10.12 -21.21
C ARG A 40 -14.75 9.66 -20.18
N SER A 41 -13.82 8.81 -20.60
CA SER A 41 -12.79 8.32 -19.71
C SER A 41 -11.85 9.41 -19.26
N LYS A 42 -11.56 10.40 -20.12
CA LYS A 42 -10.76 11.53 -19.68
C LYS A 42 -11.45 12.32 -18.57
N MET A 43 -12.76 12.54 -18.71
CA MET A 43 -13.48 13.25 -17.65
C MET A 43 -13.53 12.42 -16.38
N ILE A 44 -13.70 11.09 -16.51
CA ILE A 44 -13.68 10.23 -15.35
C ILE A 44 -12.34 10.34 -14.63
N ASP A 45 -11.25 10.31 -15.40
CA ASP A 45 -9.92 10.46 -14.80
C ASP A 45 -9.76 11.80 -14.12
N ARG A 46 -10.28 12.87 -14.73
CA ARG A 46 -10.18 14.19 -14.13
C ARG A 46 -10.91 14.22 -12.79
N ASN A 47 -12.14 13.69 -12.75
CA ASN A 47 -12.88 13.67 -11.49
C ASN A 47 -12.17 12.82 -10.45
N LEU A 48 -11.61 11.67 -10.86
CA LEU A 48 -10.89 10.83 -9.91
C LEU A 48 -9.69 11.54 -9.33
N ARG A 49 -8.93 12.25 -10.18
CA ARG A 49 -7.77 12.98 -9.70
C ARG A 49 -8.20 14.09 -8.74
N GLU A 50 -9.27 14.81 -9.06
CA GLU A 50 -9.72 15.88 -8.17
C GLU A 50 -10.16 15.30 -6.83
N ASP A 51 -10.90 14.19 -6.84
CA ASP A 51 -11.34 13.58 -5.59
C ASP A 51 -10.16 13.10 -4.77
N GLY A 52 -9.16 12.49 -5.42
CA GLY A 52 -7.97 12.07 -4.71
C GLY A 52 -7.24 13.23 -4.08
N GLU A 53 -7.12 14.34 -4.82
CA GLU A 53 -6.45 15.52 -4.27
C GLU A 53 -7.21 16.07 -3.08
N LYS A 54 -8.54 16.14 -3.17
CA LYS A 54 -9.32 16.66 -2.05
C LYS A 54 -9.28 15.73 -0.85
N ALA A 55 -9.18 14.42 -1.08
CA ALA A 55 -9.12 13.47 0.03
C ALA A 55 -7.76 13.45 0.70
N ALA A 56 -6.68 13.67 -0.06
CA ALA A 56 -5.35 13.61 0.52
C ALA A 56 -5.13 14.66 1.61
N ARG A 57 -5.97 15.70 1.65
CA ARG A 57 -5.84 16.75 2.65
C ARG A 57 -6.57 16.42 3.95
N GLU A 58 -6.81 15.14 4.22
CA GLU A 58 -7.51 14.68 5.41
C GLU A 58 -6.53 14.04 6.38
N VAL A 59 -6.88 14.10 7.66
CA VAL A 59 -6.19 13.33 8.70
C VAL A 59 -7.11 12.21 9.12
N LYS A 60 -6.56 11.02 9.28
CA LYS A 60 -7.33 9.82 9.60
C LYS A 60 -6.82 9.23 10.91
N LEU A 61 -7.76 8.78 11.75
CA LEU A 61 -7.45 8.30 13.08
C LEU A 61 -8.24 7.03 13.36
N LEU A 62 -7.57 5.89 13.31
CA LEU A 62 -8.21 4.66 13.75
C LEU A 62 -8.32 4.68 15.26
N LEU A 63 -9.52 4.46 15.79
CA LEU A 63 -9.76 4.52 17.22
C LEU A 63 -9.93 3.11 17.75
N LEU A 64 -9.18 2.78 18.80
CA LEU A 64 -9.15 1.43 19.33
C LEU A 64 -9.37 1.45 20.83
N GLY A 65 -9.87 0.33 21.35
CA GLY A 65 -10.05 0.18 22.78
C GLY A 65 -10.57 -1.21 23.08
N ALA A 66 -10.56 -1.55 24.35
CA ALA A 66 -11.09 -2.82 24.81
C ALA A 66 -12.60 -2.71 24.98
N GLY A 67 -13.22 -3.73 25.56
CA GLY A 67 -14.66 -3.72 25.76
C GLY A 67 -15.16 -2.53 26.54
N GLU A 68 -14.79 -2.46 27.83
CA GLU A 68 -15.22 -1.38 28.71
C GLU A 68 -14.24 -0.20 28.72
N SER A 69 -13.50 0.00 27.63
CA SER A 69 -12.48 1.05 27.61
C SER A 69 -13.09 2.42 27.83
N GLY A 70 -14.20 2.71 27.16
CA GLY A 70 -14.79 4.03 27.25
C GLY A 70 -14.52 4.86 26.02
N LYS A 71 -14.35 4.20 24.87
CA LYS A 71 -14.12 4.92 23.62
C LYS A 71 -15.31 5.78 23.24
N SER A 72 -16.53 5.30 23.53
CA SER A 72 -17.71 6.10 23.24
C SER A 72 -17.65 7.44 23.96
N THR A 73 -17.11 7.45 25.17
CA THR A 73 -16.94 8.71 25.89
C THR A 73 -16.03 9.66 25.12
N ILE A 74 -14.93 9.13 24.60
CA ILE A 74 -14.02 9.96 23.81
C ILE A 74 -14.73 10.51 22.58
N VAL A 75 -15.48 9.64 21.87
CA VAL A 75 -16.15 10.10 20.66
C VAL A 75 -17.15 11.19 20.99
N LYS A 76 -17.90 11.04 22.08
CA LYS A 76 -18.87 12.05 22.47
C LYS A 76 -18.17 13.36 22.83
N GLN A 77 -17.15 13.29 23.69
CA GLN A 77 -16.45 14.50 24.12
C GLN A 77 -15.85 15.24 22.94
N MET A 78 -15.08 14.54 22.10
CA MET A 78 -14.43 15.16 20.97
C MET A 78 -15.43 15.56 19.91
N THR A 207 -23.45 -1.21 11.60
CA THR A 207 -22.41 -1.95 12.30
C THR A 207 -21.05 -1.66 11.68
N GLY A 208 -20.05 -2.46 12.05
CA GLY A 208 -18.74 -2.31 11.44
C GLY A 208 -18.15 -0.94 11.71
N ILE A 209 -17.40 -0.44 10.74
CA ILE A 209 -16.77 0.87 10.88
C ILE A 209 -17.82 1.94 11.06
N VAL A 210 -17.55 2.86 11.98
CA VAL A 210 -18.35 4.07 12.16
C VAL A 210 -17.40 5.23 11.94
N GLU A 211 -17.72 6.10 10.98
CA GLU A 211 -16.85 7.21 10.64
C GLU A 211 -17.37 8.50 11.24
N THR A 212 -16.54 9.15 12.05
CA THR A 212 -16.87 10.41 12.70
C THR A 212 -15.99 11.49 12.09
N HIS A 213 -16.59 12.40 11.33
CA HIS A 213 -15.87 13.46 10.65
C HIS A 213 -16.07 14.74 11.44
N PHE A 214 -14.97 15.39 11.83
CA PHE A 214 -15.04 16.65 12.52
C PHE A 214 -13.89 17.55 12.06
N THR A 215 -13.88 18.78 12.58
CA THR A 215 -12.89 19.78 12.20
C THR A 215 -12.59 20.64 13.40
N PHE A 216 -11.30 20.79 13.72
CA PHE A 216 -10.85 21.65 14.79
C PHE A 216 -9.85 22.65 14.21
N LYS A 217 -9.96 23.91 14.65
CA LYS A 217 -9.04 24.97 14.24
C LYS A 217 -8.76 24.90 12.73
N ASP A 218 -9.82 24.69 11.96
CA ASP A 218 -9.73 24.66 10.50
C ASP A 218 -8.83 23.51 10.03
N LEU A 219 -9.18 22.31 10.46
CA LEU A 219 -8.50 21.10 10.01
C LEU A 219 -9.60 20.08 9.71
N HIS A 220 -9.22 18.87 9.31
CA HIS A 220 -10.22 17.89 8.89
C HIS A 220 -9.81 16.51 9.39
N PHE A 221 -10.52 16.01 10.40
CA PHE A 221 -10.27 14.70 10.96
C PHE A 221 -11.41 13.76 10.60
N LYS A 222 -11.05 12.55 10.22
CA LYS A 222 -11.95 11.40 10.23
C LYS A 222 -11.45 10.43 11.28
N MET A 223 -12.36 9.91 12.10
CA MET A 223 -12.03 8.91 13.10
C MET A 223 -12.88 7.68 12.84
N PHE A 224 -12.22 6.54 12.67
CA PHE A 224 -12.90 5.29 12.38
C PHE A 224 -12.95 4.45 13.65
N ASP A 225 -14.15 4.21 14.16
CA ASP A 225 -14.35 3.30 15.27
C ASP A 225 -14.73 1.93 14.73
N VAL A 226 -13.94 0.92 15.08
CA VAL A 226 -14.10 -0.43 14.54
C VAL A 226 -14.39 -1.44 15.64
N GLY A 227 -14.73 -0.99 16.84
CA GLY A 227 -14.95 -1.91 17.94
C GLY A 227 -16.12 -2.85 17.75
N ALA A 228 -17.04 -2.50 16.85
CA ALA A 228 -18.19 -3.36 16.59
C ALA A 228 -17.80 -4.62 15.83
N GLN A 229 -16.57 -4.70 15.33
CA GLN A 229 -16.11 -5.86 14.57
C GLN A 229 -15.67 -6.94 15.54
N ARG A 230 -16.51 -7.96 15.72
CA ARG A 230 -16.18 -9.09 16.58
C ARG A 230 -15.75 -10.26 15.70
N SER A 231 -14.47 -10.24 15.33
CA SER A 231 -13.84 -11.30 14.56
C SER A 231 -12.34 -11.20 14.80
N GLU A 232 -11.58 -12.07 14.16
CA GLU A 232 -10.13 -12.04 14.34
C GLU A 232 -9.59 -10.74 13.77
N ARG A 233 -8.61 -10.16 14.45
CA ARG A 233 -8.12 -8.82 14.10
C ARG A 233 -7.01 -8.83 13.06
N LYS A 234 -6.23 -9.91 12.97
CA LYS A 234 -5.11 -9.91 12.05
C LYS A 234 -5.52 -10.03 10.59
N LYS A 235 -6.79 -10.34 10.31
CA LYS A 235 -7.23 -10.62 8.96
C LYS A 235 -7.81 -9.40 8.24
N TRP A 236 -8.03 -8.29 8.94
CA TRP A 236 -8.52 -7.07 8.31
C TRP A 236 -7.78 -5.82 8.74
N ILE A 237 -6.80 -5.94 9.66
CA ILE A 237 -6.07 -4.77 10.10
C ILE A 237 -5.26 -4.16 8.96
N HIS A 238 -5.01 -4.94 7.90
CA HIS A 238 -4.23 -4.44 6.78
C HIS A 238 -4.77 -3.11 6.28
N CYS A 239 -6.10 -2.98 6.27
CA CYS A 239 -6.72 -1.81 5.67
C CYS A 239 -6.29 -0.51 6.33
N PHE A 240 -5.79 -0.57 7.56
CA PHE A 240 -5.47 0.63 8.32
C PHE A 240 -3.97 0.91 8.35
N GLU A 241 -3.28 0.63 7.25
CA GLU A 241 -1.86 0.97 7.11
C GLU A 241 -1.78 2.26 6.30
N GLY A 242 -1.66 3.38 7.00
CA GLY A 242 -1.64 4.67 6.36
C GLY A 242 -2.45 5.72 7.11
N VAL A 243 -2.99 5.34 8.26
CA VAL A 243 -3.63 6.30 9.14
C VAL A 243 -2.57 7.17 9.80
N THR A 244 -2.81 8.48 9.84
CA THR A 244 -1.81 9.39 10.36
C THR A 244 -1.52 9.15 11.83
N ALA A 245 -2.38 8.43 12.54
CA ALA A 245 -2.14 8.10 13.93
C ALA A 245 -3.13 7.00 14.30
N ILE A 246 -2.97 6.48 15.51
CA ILE A 246 -3.89 5.48 16.06
C ILE A 246 -4.24 5.92 17.46
N ILE A 247 -5.47 6.35 17.67
CA ILE A 247 -5.91 6.69 19.02
C ILE A 247 -6.23 5.41 19.74
N PHE A 248 -5.74 5.27 20.97
CA PHE A 248 -6.01 4.12 21.80
C PHE A 248 -6.68 4.61 23.08
N CYS A 249 -7.58 3.80 23.63
CA CYS A 249 -8.28 4.17 24.86
C CYS A 249 -8.26 3.01 25.83
N VAL A 250 -7.91 3.31 27.08
CA VAL A 250 -7.89 2.34 28.16
C VAL A 250 -8.74 2.88 29.29
N ALA A 251 -9.21 1.98 30.16
CA ALA A 251 -10.08 2.35 31.26
C ALA A 251 -9.36 2.10 32.58
N LEU A 252 -8.99 3.19 33.26
CA LEU A 252 -8.29 3.06 34.53
C LEU A 252 -9.17 2.41 35.60
N SER A 253 -10.49 2.54 35.49
CA SER A 253 -11.38 1.85 36.39
C SER A 253 -11.56 0.37 36.01
N ASP A 254 -10.79 -0.11 35.04
CA ASP A 254 -10.92 -1.47 34.53
C ASP A 254 -9.92 -2.43 35.16
N TYR A 255 -9.11 -1.99 36.12
CA TYR A 255 -8.22 -2.90 36.82
C TYR A 255 -8.92 -3.63 37.96
N ASP A 256 -10.21 -3.33 38.19
CA ASP A 256 -11.01 -4.01 39.20
C ASP A 256 -12.09 -4.87 38.56
N LEU A 257 -11.93 -5.23 37.29
CA LEU A 257 -12.88 -6.04 36.55
C LEU A 257 -12.15 -7.24 35.95
N VAL A 258 -12.71 -8.43 36.16
CA VAL A 258 -12.19 -9.63 35.55
C VAL A 258 -12.96 -9.90 34.27
N LEU A 259 -12.34 -10.67 33.37
CA LEU A 259 -12.95 -10.93 32.07
C LEU A 259 -14.32 -11.60 32.24
N ALA A 260 -15.27 -11.18 31.40
CA ALA A 260 -16.64 -11.69 31.53
C ALA A 260 -16.70 -13.19 31.30
N GLU A 261 -15.99 -13.69 30.29
CA GLU A 261 -16.00 -15.11 29.96
C GLU A 261 -14.93 -15.87 30.73
N ASP A 262 -13.67 -15.44 30.62
CA ASP A 262 -12.58 -16.12 31.30
C ASP A 262 -12.64 -15.83 32.80
N GLU A 263 -11.82 -16.55 33.55
CA GLU A 263 -11.78 -16.46 35.01
C GLU A 263 -10.44 -15.91 35.45
N GLU A 264 -10.48 -14.96 36.38
CA GLU A 264 -9.26 -14.37 36.96
C GLU A 264 -8.33 -13.84 35.87
N MET A 265 -8.91 -13.20 34.86
CA MET A 265 -8.16 -12.56 33.78
C MET A 265 -8.40 -11.05 33.91
N ASN A 266 -7.55 -10.40 34.70
CA ASN A 266 -7.68 -8.95 34.93
C ASN A 266 -7.89 -8.22 33.62
N ARG A 267 -8.99 -7.47 33.53
CA ARG A 267 -9.33 -6.82 32.28
C ARG A 267 -8.18 -5.96 31.78
N MET A 268 -7.47 -5.29 32.69
CA MET A 268 -6.37 -4.43 32.26
C MET A 268 -5.23 -5.25 31.66
N HIS A 269 -5.01 -6.47 32.14
CA HIS A 269 -4.00 -7.33 31.50
C HIS A 269 -4.39 -7.61 30.06
N GLU A 270 -5.67 -7.91 29.81
CA GLU A 270 -6.11 -8.12 28.43
C GLU A 270 -5.96 -6.85 27.62
N SER A 271 -6.20 -5.69 28.22
CA SER A 271 -6.04 -4.43 27.50
C SER A 271 -4.58 -4.21 27.13
N MET A 272 -3.66 -4.50 28.05
CA MET A 272 -2.24 -4.41 27.71
C MET A 272 -1.89 -5.38 26.59
N LYS A 273 -2.42 -6.59 26.62
CA LYS A 273 -2.11 -7.53 25.56
C LYS A 273 -2.59 -6.99 24.21
N LEU A 274 -3.79 -6.43 24.17
CA LEU A 274 -4.29 -5.85 22.93
C LEU A 274 -3.38 -4.72 22.47
N PHE A 275 -3.03 -3.81 23.37
CA PHE A 275 -2.20 -2.67 22.98
C PHE A 275 -0.82 -3.12 22.52
N ASP A 276 -0.25 -4.11 23.20
CA ASP A 276 1.04 -4.65 22.80
C ASP A 276 0.96 -5.24 21.40
N SER A 277 -0.12 -5.95 21.09
CA SER A 277 -0.29 -6.48 19.75
C SER A 277 -0.38 -5.36 18.72
N ILE A 278 -1.08 -4.28 19.07
CA ILE A 278 -1.21 -3.17 18.12
C ILE A 278 0.14 -2.50 17.87
N CYS A 279 0.87 -2.19 18.93
CA CYS A 279 2.12 -1.45 18.78
C CYS A 279 3.16 -2.28 18.05
N ASN A 280 3.56 -3.41 18.63
CA ASN A 280 4.58 -4.29 18.04
C ASN A 280 3.92 -5.13 16.94
N ASN A 281 3.56 -4.44 15.85
CA ASN A 281 2.94 -5.07 14.70
C ASN A 281 3.67 -4.63 13.44
N LYS A 282 3.66 -5.49 12.43
CA LYS A 282 4.48 -5.23 11.25
C LYS A 282 3.91 -4.14 10.36
N TRP A 283 2.63 -3.77 10.55
CA TRP A 283 2.01 -2.74 9.73
C TRP A 283 2.19 -1.36 10.33
N PHE A 284 1.95 -1.23 11.64
CA PHE A 284 2.10 0.04 12.34
C PHE A 284 3.48 0.18 12.95
N THR A 285 4.52 0.04 12.12
CA THR A 285 5.88 0.16 12.61
C THR A 285 6.35 1.60 12.70
N ASP A 286 5.60 2.56 12.14
CA ASP A 286 5.93 3.97 12.29
C ASP A 286 4.69 4.78 12.67
N THR A 287 3.51 4.30 12.29
CA THR A 287 2.26 4.99 12.63
C THR A 287 2.19 5.20 14.14
N SER A 288 2.23 6.44 14.59
CA SER A 288 2.31 6.71 16.01
C SER A 288 0.97 6.43 16.68
N ILE A 289 1.04 6.15 17.98
CA ILE A 289 -0.14 5.94 18.80
C ILE A 289 -0.33 7.17 19.68
N ILE A 290 -1.59 7.50 19.93
CA ILE A 290 -1.96 8.53 20.89
C ILE A 290 -2.79 7.84 21.94
N LEU A 291 -2.25 7.73 23.15
CA LEU A 291 -2.86 6.94 24.20
C LEU A 291 -3.80 7.83 25.02
N PHE A 292 -4.91 7.25 25.46
CA PHE A 292 -5.89 7.95 26.27
C PHE A 292 -6.23 7.06 27.45
N LEU A 293 -6.27 7.65 28.64
CA LEU A 293 -6.53 6.90 29.87
C LEU A 293 -7.81 7.45 30.48
N ASN A 294 -8.94 6.87 30.06
CA ASN A 294 -10.25 7.41 30.37
C ASN A 294 -10.59 7.22 31.85
N LYS A 295 -11.68 7.85 32.27
CA LYS A 295 -12.28 7.60 33.57
C LYS A 295 -11.28 7.79 34.71
N LYS A 296 -10.49 8.86 34.64
CA LYS A 296 -9.44 9.07 35.64
C LYS A 296 -10.02 9.26 37.03
N ASP A 297 -11.08 10.06 37.16
CA ASP A 297 -11.63 10.37 38.48
C ASP A 297 -12.19 9.13 39.16
N LEU A 298 -12.89 8.28 38.40
CA LEU A 298 -13.45 7.08 39.00
C LEU A 298 -12.36 6.18 39.56
N PHE A 299 -11.25 6.04 38.83
CA PHE A 299 -10.12 5.30 39.37
C PHE A 299 -9.51 6.00 40.58
N GLU A 300 -9.40 7.33 40.53
CA GLU A 300 -8.83 8.07 41.64
C GLU A 300 -9.63 7.87 42.91
N GLU A 301 -10.93 7.59 42.77
CA GLU A 301 -11.75 7.26 43.92
C GLU A 301 -11.71 5.77 44.26
N LYS A 302 -11.61 4.92 43.24
CA LYS A 302 -11.60 3.48 43.48
C LYS A 302 -10.35 3.06 44.25
N ILE A 303 -9.21 3.65 43.92
CA ILE A 303 -7.95 3.25 44.52
C ILE A 303 -7.89 3.50 46.02
N LYS A 304 -8.87 4.23 46.57
CA LYS A 304 -8.85 4.58 47.98
C LYS A 304 -9.14 3.38 48.89
N LYS A 305 -9.54 2.25 48.34
CA LYS A 305 -9.82 1.07 49.16
C LYS A 305 -9.13 -0.17 48.60
N SER A 306 -8.95 -0.23 47.29
CA SER A 306 -8.36 -1.39 46.64
C SER A 306 -6.96 -1.05 46.15
N PRO A 307 -5.89 -1.56 46.79
CA PRO A 307 -4.54 -1.22 46.32
C PRO A 307 -4.31 -1.71 44.90
N LEU A 308 -3.56 -0.91 44.14
CA LEU A 308 -3.22 -1.30 42.78
C LEU A 308 -2.32 -2.53 42.76
N THR A 309 -1.71 -2.89 43.89
CA THR A 309 -0.85 -4.06 43.92
C THR A 309 -1.60 -5.34 43.62
N ILE A 310 -2.93 -5.32 43.69
CA ILE A 310 -3.71 -6.50 43.29
C ILE A 310 -3.46 -6.84 41.84
N CYS A 311 -3.31 -5.82 40.99
CA CYS A 311 -3.14 -6.02 39.55
C CYS A 311 -1.69 -6.06 39.12
N TYR A 312 -0.74 -5.97 40.05
CA TYR A 312 0.68 -6.09 39.74
C TYR A 312 1.39 -6.64 40.98
N PRO A 313 1.82 -7.89 40.96
CA PRO A 313 2.56 -8.42 42.12
C PRO A 313 4.01 -7.97 42.15
N GLU A 314 4.34 -6.96 41.34
CA GLU A 314 5.67 -6.35 41.34
C GLU A 314 5.59 -4.84 41.53
N TYR A 315 4.76 -4.38 42.47
CA TYR A 315 4.55 -2.97 42.72
C TYR A 315 5.03 -2.61 44.12
N ALA A 316 5.75 -1.49 44.21
CA ALA A 316 6.19 -0.93 45.49
C ALA A 316 5.79 0.53 45.53
N GLY A 317 5.29 0.97 46.68
CA GLY A 317 4.74 2.31 46.81
C GLY A 317 3.25 2.28 47.04
N SER A 318 2.85 2.44 48.31
CA SER A 318 1.47 2.22 48.74
C SER A 318 0.50 3.05 47.92
N ASN A 319 -0.78 2.69 47.97
CA ASN A 319 -1.81 3.31 47.15
C ASN A 319 -1.63 4.82 47.08
N THR A 320 -1.72 5.36 45.86
CA THR A 320 -1.50 6.78 45.61
C THR A 320 -1.87 7.06 44.17
N TYR A 321 -2.48 8.22 43.92
CA TYR A 321 -2.88 8.57 42.57
C TYR A 321 -1.82 9.34 41.81
N GLU A 322 -0.96 10.10 42.51
CA GLU A 322 0.14 10.75 41.83
C GLU A 322 1.22 9.77 41.40
N GLU A 323 1.21 8.55 41.92
CA GLU A 323 2.19 7.52 41.59
C GLU A 323 1.60 6.36 40.79
N ALA A 324 0.40 5.90 41.15
CA ALA A 324 -0.17 4.76 40.45
C ALA A 324 -0.42 5.08 38.98
N ALA A 325 -0.96 6.26 38.71
CA ALA A 325 -1.28 6.62 37.33
C ALA A 325 -0.04 6.92 36.51
N ALA A 326 1.12 7.04 37.15
CA ALA A 326 2.38 7.10 36.41
C ALA A 326 3.01 5.73 36.25
N TYR A 327 2.84 4.86 37.24
CA TYR A 327 3.30 3.48 37.11
C TYR A 327 2.57 2.75 35.99
N ILE A 328 1.25 2.95 35.91
CA ILE A 328 0.49 2.32 34.83
C ILE A 328 0.94 2.87 33.48
N GLN A 329 1.16 4.17 33.39
CA GLN A 329 1.64 4.74 32.15
C GLN A 329 3.02 4.18 31.79
N CYS A 330 3.85 3.93 32.80
CA CYS A 330 5.15 3.31 32.55
C CYS A 330 4.99 1.91 31.99
N GLN A 331 4.10 1.10 32.58
CA GLN A 331 3.88 -0.24 32.07
C GLN A 331 3.31 -0.20 30.65
N PHE A 332 2.53 0.83 30.32
CA PHE A 332 1.99 0.93 28.97
C PHE A 332 3.05 1.35 27.97
N GLU A 333 3.89 2.32 28.33
CA GLU A 333 4.95 2.76 27.44
C GLU A 333 6.15 1.81 27.42
N ASP A 334 6.17 0.81 28.29
CA ASP A 334 7.23 -0.18 28.31
C ASP A 334 6.98 -1.33 27.32
N LEU A 335 6.04 -1.17 26.39
CA LEU A 335 5.65 -2.25 25.50
C LEU A 335 5.95 -1.98 24.03
N ASN A 336 6.35 -0.77 23.67
CA ASN A 336 6.67 -0.44 22.29
C ASN A 336 8.15 -0.71 22.06
N LYS A 337 8.46 -1.92 21.60
CA LYS A 337 9.86 -2.30 21.35
C LYS A 337 10.47 -1.52 20.19
N ARG A 338 9.66 -0.81 19.41
CA ARG A 338 10.17 0.08 18.37
C ARG A 338 10.38 1.49 18.94
N LYS A 339 11.22 1.55 19.97
CA LYS A 339 11.42 2.81 20.70
C LYS A 339 11.92 3.91 19.79
N ASP A 340 12.62 3.57 18.72
CA ASP A 340 13.30 4.55 17.88
C ASP A 340 12.48 5.00 16.69
N THR A 341 11.27 4.49 16.50
CA THR A 341 10.49 4.76 15.30
C THR A 341 9.19 5.49 15.58
N LYS A 342 8.43 5.06 16.58
CA LYS A 342 7.10 5.60 16.84
C LYS A 342 7.03 6.18 18.25
N GLU A 343 6.36 7.32 18.36
CA GLU A 343 6.13 7.96 19.64
C GLU A 343 4.75 7.56 20.17
N ILE A 344 4.59 7.69 21.48
CA ILE A 344 3.32 7.40 22.15
C ILE A 344 3.01 8.57 23.07
N TYR A 345 2.04 9.39 22.67
CA TYR A 345 1.60 10.48 23.52
C TYR A 345 0.59 9.96 24.53
N THR A 346 0.28 10.79 25.52
CA THR A 346 -0.58 10.35 26.62
C THR A 346 -1.32 11.53 27.22
N HIS A 347 -2.61 11.35 27.44
CA HIS A 347 -3.46 12.37 28.03
C HIS A 347 -4.56 11.66 28.82
N PHE A 348 -4.91 12.22 29.97
CA PHE A 348 -5.81 11.55 30.93
C PHE A 348 -7.22 12.10 30.76
N THR A 349 -7.99 11.50 29.86
CA THR A 349 -9.36 11.92 29.67
C THR A 349 -10.17 11.56 30.91
N LYS A 355 -11.05 19.72 26.37
CA LYS A 355 -9.85 20.16 25.66
C LYS A 355 -9.14 18.98 25.02
N ASN A 356 -9.76 17.80 25.06
CA ASN A 356 -9.11 16.61 24.54
C ASN A 356 -8.83 16.74 23.05
N VAL A 357 -9.80 17.26 22.29
CA VAL A 357 -9.54 17.47 20.87
C VAL A 357 -8.41 18.46 20.67
N GLN A 358 -8.24 19.40 21.61
CA GLN A 358 -7.08 20.28 21.55
C GLN A 358 -5.79 19.49 21.69
N PHE A 359 -5.76 18.51 22.59
CA PHE A 359 -4.57 17.67 22.71
C PHE A 359 -4.34 16.86 21.45
N VAL A 360 -5.41 16.32 20.85
CA VAL A 360 -5.24 15.53 19.62
C VAL A 360 -4.71 16.42 18.51
N PHE A 361 -5.19 17.66 18.45
CA PHE A 361 -4.65 18.62 17.49
C PHE A 361 -3.17 18.86 17.74
N ASP A 362 -2.79 19.06 19.01
CA ASP A 362 -1.40 19.35 19.34
C ASP A 362 -0.50 18.13 19.21
N ALA A 363 -1.08 16.93 19.13
CA ALA A 363 -0.28 15.71 19.01
C ALA A 363 -0.29 15.15 17.60
N VAL A 364 -1.18 15.61 16.73
CA VAL A 364 -1.07 15.31 15.31
C VAL A 364 -0.36 16.42 14.55
N THR A 365 -0.34 17.65 15.07
CA THR A 365 0.56 18.65 14.54
C THR A 365 2.01 18.21 14.66
N ASP A 366 2.38 17.60 15.78
CA ASP A 366 3.71 17.04 15.94
C ASP A 366 3.99 15.92 14.94
N VAL A 367 3.02 15.04 14.69
CA VAL A 367 3.23 13.97 13.72
C VAL A 367 3.40 14.54 12.33
N ILE A 368 2.58 15.51 11.96
CA ILE A 368 2.69 16.10 10.62
C ILE A 368 4.03 16.81 10.46
N ILE A 369 4.42 17.62 11.44
CA ILE A 369 5.70 18.31 11.37
C ILE A 369 6.89 17.37 11.39
N LYS A 370 6.84 16.29 12.16
CA LYS A 370 7.92 15.32 12.23
C LYS A 370 7.92 14.33 11.08
N ASN A 371 6.86 14.29 10.28
CA ASN A 371 6.88 13.56 9.02
C ASN A 371 7.30 14.44 7.86
N ASN A 372 7.10 15.76 7.97
CA ASN A 372 7.70 16.68 7.01
C ASN A 372 9.18 16.84 7.26
N LEU A 373 9.59 16.89 8.52
CA LEU A 373 10.97 17.04 8.92
C LEU A 373 11.77 15.75 8.78
N LYS A 374 11.21 14.75 8.11
CA LYS A 374 11.92 13.52 7.80
C LYS A 374 11.96 13.20 6.32
N ASP A 375 11.09 13.82 5.51
CA ASP A 375 11.18 13.66 4.07
C ASP A 375 12.47 14.24 3.52
N CYS A 376 13.12 15.13 4.27
CA CYS A 376 14.41 15.68 3.89
C CYS A 376 15.55 15.16 4.77
N GLY A 377 15.27 14.21 5.65
CA GLY A 377 16.30 13.55 6.41
C GLY A 377 16.85 14.32 7.59
N LEU A 378 16.31 15.50 7.89
CA LEU A 378 16.83 16.28 9.01
C LEU A 378 16.67 15.54 10.33
N PHE A 379 15.50 14.92 10.54
CA PHE A 379 15.22 14.25 11.81
C PHE A 379 16.16 13.08 12.02
N GLU B 2 -23.40 -38.71 30.00
CA GLU B 2 -22.55 -37.56 30.26
C GLU B 2 -21.99 -36.98 28.97
N LEU B 3 -21.58 -35.71 29.01
CA LEU B 3 -20.97 -35.09 27.84
C LEU B 3 -19.69 -35.81 27.45
N ASP B 4 -18.99 -36.39 28.42
CA ASP B 4 -17.78 -37.15 28.11
C ASP B 4 -18.10 -38.33 27.19
N GLN B 5 -19.31 -38.89 27.27
CA GLN B 5 -19.71 -39.94 26.35
C GLN B 5 -19.71 -39.41 24.92
N LEU B 6 -20.31 -38.23 24.72
CA LEU B 6 -20.30 -37.61 23.39
C LEU B 6 -18.88 -37.34 22.94
N ARG B 7 -18.03 -36.83 23.83
CA ARG B 7 -16.65 -36.54 23.46
C ARG B 7 -15.92 -37.80 23.00
N GLN B 8 -16.01 -38.88 23.79
CA GLN B 8 -15.29 -40.10 23.47
C GLN B 8 -15.80 -40.72 22.17
N GLU B 9 -17.12 -40.79 22.01
CA GLU B 9 -17.65 -41.40 20.80
C GLU B 9 -17.36 -40.54 19.57
N ALA B 10 -17.32 -39.21 19.73
CA ALA B 10 -16.93 -38.35 18.61
C ALA B 10 -15.47 -38.57 18.25
N GLU B 11 -14.61 -38.74 19.25
CA GLU B 11 -13.21 -39.03 18.96
C GLU B 11 -13.08 -40.34 18.18
N GLN B 12 -13.82 -41.37 18.59
CA GLN B 12 -13.78 -42.63 17.86
C GLN B 12 -14.35 -42.48 16.46
N LEU B 13 -15.37 -41.66 16.29
CA LEU B 13 -15.92 -41.42 14.96
C LEU B 13 -14.89 -40.75 14.06
N LYS B 14 -14.19 -39.75 14.58
CA LYS B 14 -13.16 -39.09 13.79
C LYS B 14 -12.04 -40.06 13.43
N ASN B 15 -11.64 -40.91 14.39
CA ASN B 15 -10.62 -41.90 14.09
C ASN B 15 -11.11 -42.89 13.04
N GLN B 16 -12.38 -43.27 13.10
CA GLN B 16 -12.95 -44.14 12.08
C GLN B 16 -12.87 -43.49 10.70
N ILE B 17 -13.23 -42.21 10.60
CA ILE B 17 -13.14 -41.53 9.31
C ILE B 17 -11.70 -41.52 8.83
N ARG B 18 -10.76 -41.20 9.74
CA ARG B 18 -9.36 -41.09 9.34
C ARG B 18 -8.82 -42.42 8.84
N ASP B 19 -9.15 -43.52 9.53
CA ASP B 19 -8.62 -44.83 9.15
C ASP B 19 -9.44 -45.50 8.06
N ALA B 20 -10.61 -44.96 7.71
CA ALA B 20 -11.36 -45.44 6.56
C ALA B 20 -10.96 -44.71 5.28
N ARG B 21 -10.56 -43.45 5.39
CA ARG B 21 -10.01 -42.75 4.23
C ARG B 21 -8.76 -43.46 3.71
N LYS B 22 -7.91 -43.92 4.63
CA LYS B 22 -6.70 -44.63 4.23
C LYS B 22 -7.02 -45.81 3.34
N ALA B 23 -8.11 -46.53 3.64
CA ALA B 23 -8.47 -47.69 2.83
C ALA B 23 -8.75 -47.31 1.38
N CYS B 24 -9.06 -46.05 1.11
CA CYS B 24 -9.30 -45.57 -0.24
C CYS B 24 -8.04 -45.03 -0.90
N ALA B 25 -6.87 -45.50 -0.49
CA ALA B 25 -5.60 -45.05 -1.03
C ALA B 25 -4.94 -46.19 -1.81
N ASP B 26 -4.58 -45.92 -3.06
CA ASP B 26 -3.87 -46.89 -3.89
C ASP B 26 -2.46 -46.42 -4.20
N ALA B 27 -2.30 -45.21 -4.71
CA ALA B 27 -0.97 -44.65 -4.92
C ALA B 27 -1.11 -43.15 -5.08
N THR B 28 -0.07 -42.42 -4.68
CA THR B 28 -0.11 -40.98 -4.73
C THR B 28 -0.25 -40.50 -6.17
N LEU B 29 -0.96 -39.38 -6.34
CA LEU B 29 -1.16 -38.83 -7.68
C LEU B 29 0.18 -38.64 -8.38
N SER B 30 1.21 -38.22 -7.64
CA SER B 30 2.52 -38.02 -8.25
C SER B 30 3.12 -39.31 -8.77
N GLN B 31 2.64 -40.47 -8.33
CA GLN B 31 3.09 -41.72 -8.90
C GLN B 31 2.37 -42.03 -10.21
N ILE B 32 1.04 -41.88 -10.22
CA ILE B 32 0.28 -42.22 -11.42
C ILE B 32 0.68 -41.34 -12.58
N THR B 33 0.73 -40.03 -12.37
CA THR B 33 1.11 -39.10 -13.43
C THR B 33 2.60 -39.06 -13.68
N ASN B 34 3.37 -39.98 -13.07
CA ASN B 34 4.83 -39.86 -13.10
C ASN B 34 5.37 -39.87 -14.53
N ASN B 35 4.69 -40.54 -15.45
CA ASN B 35 5.09 -40.58 -16.84
C ASN B 35 4.45 -39.49 -17.69
N ILE B 36 3.63 -38.62 -17.08
CA ILE B 36 3.00 -37.56 -17.84
C ILE B 36 4.08 -36.68 -18.49
N ASP B 37 3.69 -35.99 -19.55
CA ASP B 37 4.61 -35.14 -20.29
C ASP B 37 4.71 -33.77 -19.61
N PRO B 38 5.89 -33.36 -19.14
CA PRO B 38 6.02 -32.03 -18.52
C PRO B 38 5.51 -30.91 -19.40
N VAL B 39 5.33 -29.73 -18.83
CA VAL B 39 4.78 -28.59 -19.57
C VAL B 39 5.85 -27.60 -20.00
N GLY B 40 7.05 -27.64 -19.40
CA GLY B 40 8.12 -26.75 -19.79
C GLY B 40 8.11 -25.45 -19.01
N ARG B 41 8.56 -24.37 -19.63
CA ARG B 41 8.53 -23.06 -19.02
C ARG B 41 7.40 -22.23 -19.63
N ILE B 42 6.82 -21.36 -18.79
CA ILE B 42 5.71 -20.51 -19.18
C ILE B 42 6.13 -19.06 -18.96
N GLN B 43 6.08 -18.27 -20.02
CA GLN B 43 6.40 -16.85 -19.97
C GLN B 43 5.15 -16.03 -20.21
N MET B 44 5.00 -14.95 -19.44
CA MET B 44 3.84 -14.08 -19.55
C MET B 44 4.30 -12.65 -19.32
N ARG B 45 3.91 -11.75 -20.21
CA ARG B 45 4.34 -10.36 -20.15
C ARG B 45 3.12 -9.45 -20.09
N THR B 46 3.22 -8.39 -19.30
CA THR B 46 2.06 -7.56 -18.97
C THR B 46 1.61 -6.82 -20.22
N ARG B 47 0.60 -7.34 -20.90
CA ARG B 47 0.16 -6.70 -22.14
C ARG B 47 -0.36 -5.30 -21.88
N ARG B 48 -1.16 -5.13 -20.83
CA ARG B 48 -1.64 -3.80 -20.42
C ARG B 48 -1.22 -3.57 -18.97
N THR B 49 -1.58 -2.40 -18.47
CA THR B 49 -1.42 -2.06 -17.05
C THR B 49 -2.52 -1.06 -16.73
N LEU B 50 -3.67 -1.57 -16.29
CA LEU B 50 -4.81 -0.72 -16.03
C LEU B 50 -4.49 0.19 -14.84
N ARG B 51 -4.44 1.49 -15.10
CA ARG B 51 -3.93 2.47 -14.15
C ARG B 51 -5.04 3.44 -13.76
N GLY B 52 -4.95 3.95 -12.52
CA GLY B 52 -5.90 4.94 -12.07
C GLY B 52 -6.26 4.85 -10.59
N HIS B 53 -6.02 3.70 -9.97
CA HIS B 53 -6.29 3.57 -8.55
C HIS B 53 -5.28 4.37 -7.74
N LEU B 54 -5.76 5.02 -6.68
CA LEU B 54 -4.92 5.84 -5.83
C LEU B 54 -4.53 5.16 -4.52
N ALA B 55 -4.85 3.88 -4.37
CA ALA B 55 -4.56 3.16 -3.14
C ALA B 55 -4.49 1.68 -3.46
N LYS B 56 -4.38 0.87 -2.40
CA LYS B 56 -4.28 -0.58 -2.55
C LYS B 56 -5.44 -1.10 -3.37
N ILE B 57 -5.28 -2.30 -3.95
CA ILE B 57 -6.35 -2.99 -4.65
C ILE B 57 -6.61 -4.30 -3.91
N TYR B 58 -7.87 -4.53 -3.55
CA TYR B 58 -8.21 -5.60 -2.62
C TYR B 58 -9.01 -6.73 -3.23
N ALA B 59 -9.45 -6.63 -4.48
CA ALA B 59 -10.21 -7.71 -5.09
C ALA B 59 -10.44 -7.38 -6.55
N MET B 60 -11.08 -8.31 -7.25
CA MET B 60 -11.49 -8.08 -8.63
C MET B 60 -12.46 -9.18 -9.02
N HIS B 61 -12.96 -9.09 -10.24
CA HIS B 61 -13.76 -10.17 -10.81
C HIS B 61 -13.95 -9.95 -12.30
N TRP B 62 -13.46 -10.86 -13.12
CA TRP B 62 -13.68 -10.75 -14.55
C TRP B 62 -15.15 -10.95 -14.87
N GLY B 63 -15.68 -10.11 -15.76
CA GLY B 63 -17.04 -10.30 -16.20
C GLY B 63 -17.19 -11.53 -17.07
N THR B 64 -18.43 -11.96 -17.25
CA THR B 64 -18.69 -13.10 -18.13
C THR B 64 -18.29 -12.78 -19.56
N ASP B 65 -18.33 -11.50 -19.94
CA ASP B 65 -17.91 -11.09 -21.28
C ASP B 65 -16.45 -11.41 -21.55
N SER B 66 -15.63 -11.56 -20.51
CA SER B 66 -14.19 -11.67 -20.63
C SER B 66 -13.57 -10.39 -21.15
N ARG B 67 -14.30 -9.29 -21.10
CA ARG B 67 -13.81 -7.98 -21.53
C ARG B 67 -13.70 -7.01 -20.36
N LEU B 68 -14.79 -6.79 -19.63
CA LEU B 68 -14.81 -5.87 -18.50
C LEU B 68 -14.37 -6.59 -17.24
N LEU B 69 -13.79 -5.82 -16.31
CA LEU B 69 -13.36 -6.38 -15.04
C LEU B 69 -13.50 -5.33 -13.97
N VAL B 70 -13.94 -5.75 -12.79
CA VAL B 70 -14.14 -4.85 -11.66
C VAL B 70 -12.83 -4.74 -10.88
N SER B 71 -12.74 -3.77 -9.98
CA SER B 71 -11.62 -3.73 -9.06
C SER B 71 -11.94 -2.74 -7.95
N ALA B 72 -11.64 -3.12 -6.71
CA ALA B 72 -11.93 -2.30 -5.55
C ALA B 72 -10.65 -1.86 -4.87
N SER B 73 -10.63 -0.61 -4.40
CA SER B 73 -9.47 -0.03 -3.76
C SER B 73 -9.90 0.71 -2.50
N GLN B 74 -8.94 0.90 -1.60
CA GLN B 74 -9.18 1.69 -0.39
C GLN B 74 -9.32 3.17 -0.69
N ASP B 75 -9.09 3.59 -1.93
CA ASP B 75 -9.35 4.97 -2.30
C ASP B 75 -10.82 5.34 -2.15
N GLY B 76 -11.68 4.34 -2.03
CA GLY B 76 -13.10 4.56 -1.86
C GLY B 76 -13.93 4.47 -3.12
N LYS B 77 -13.35 3.99 -4.22
CA LYS B 77 -14.05 3.87 -5.49
C LYS B 77 -13.93 2.47 -6.03
N LEU B 78 -15.00 1.98 -6.62
CA LEU B 78 -15.07 0.66 -7.22
C LEU B 78 -15.11 0.85 -8.73
N ILE B 79 -14.03 0.52 -9.40
CA ILE B 79 -13.88 0.87 -10.81
C ILE B 79 -14.21 -0.35 -11.66
N ILE B 80 -14.66 -0.09 -12.89
CA ILE B 80 -15.01 -1.13 -13.85
C ILE B 80 -14.30 -0.76 -15.15
N TRP B 81 -13.28 -1.53 -15.51
CA TRP B 81 -12.38 -1.17 -16.60
C TRP B 81 -12.82 -1.85 -17.89
N ASP B 82 -11.97 -1.75 -18.92
CA ASP B 82 -12.14 -2.47 -20.18
C ASP B 82 -10.76 -2.97 -20.57
N SER B 83 -10.56 -4.28 -20.54
CA SER B 83 -9.21 -4.82 -20.66
C SER B 83 -8.54 -4.40 -21.96
N TYR B 84 -9.28 -4.47 -23.08
CA TYR B 84 -8.67 -4.23 -24.38
C TYR B 84 -8.13 -2.81 -24.50
N THR B 85 -8.95 -1.81 -24.21
CA THR B 85 -8.59 -0.42 -24.46
C THR B 85 -8.01 0.27 -23.24
N THR B 86 -8.26 -0.22 -22.04
CA THR B 86 -7.84 0.36 -20.76
C THR B 86 -8.72 1.52 -20.33
N ASN B 87 -9.70 1.92 -21.13
CA ASN B 87 -10.57 3.02 -20.74
C ASN B 87 -11.45 2.60 -19.57
N LYS B 88 -11.59 3.50 -18.59
CA LYS B 88 -12.41 3.22 -17.41
C LYS B 88 -13.88 3.37 -17.79
N VAL B 89 -14.55 2.25 -18.01
CA VAL B 89 -15.95 2.29 -18.39
C VAL B 89 -16.80 2.92 -17.29
N HIS B 90 -16.55 2.54 -16.04
CA HIS B 90 -17.29 3.10 -14.91
C HIS B 90 -16.36 3.30 -13.73
N ALA B 91 -16.76 4.20 -12.83
CA ALA B 91 -16.04 4.40 -11.58
C ALA B 91 -17.07 4.77 -10.52
N ILE B 92 -17.45 3.79 -9.70
CA ILE B 92 -18.54 3.96 -8.75
C ILE B 92 -18.00 4.62 -7.49
N PRO B 93 -18.55 5.75 -7.05
CA PRO B 93 -18.15 6.32 -5.76
C PRO B 93 -18.89 5.67 -4.59
N LEU B 94 -18.19 4.87 -3.80
CA LEU B 94 -18.84 4.12 -2.74
C LEU B 94 -19.29 5.05 -1.61
N ARG B 95 -19.86 4.45 -0.58
CA ARG B 95 -20.25 5.16 0.64
C ARG B 95 -19.27 4.97 1.77
N SER B 96 -18.65 3.80 1.87
CA SER B 96 -17.59 3.53 2.83
C SER B 96 -16.37 3.02 2.08
N SER B 97 -15.21 3.59 2.37
CA SER B 97 -14.00 3.33 1.62
C SER B 97 -13.21 2.14 2.15
N TRP B 98 -13.87 1.19 2.81
CA TRP B 98 -13.22 -0.01 3.31
C TRP B 98 -13.84 -1.20 2.59
N VAL B 99 -13.17 -1.67 1.54
CA VAL B 99 -13.70 -2.67 0.64
C VAL B 99 -12.80 -3.89 0.67
N MET B 100 -13.41 -5.07 0.61
CA MET B 100 -12.65 -6.33 0.68
C MET B 100 -13.15 -7.36 -0.33
N THR B 101 -13.94 -6.95 -1.32
CA THR B 101 -14.56 -7.93 -2.21
C THR B 101 -15.14 -7.21 -3.41
N CYS B 102 -15.55 -7.99 -4.38
CA CYS B 102 -16.25 -7.52 -5.57
C CYS B 102 -16.89 -8.74 -6.23
N ALA B 103 -17.93 -8.49 -7.02
CA ALA B 103 -18.57 -9.60 -7.73
C ALA B 103 -19.34 -9.02 -8.92
N TYR B 104 -18.75 -9.13 -10.11
CA TYR B 104 -19.46 -8.75 -11.32
C TYR B 104 -20.49 -9.81 -11.67
N ALA B 105 -21.71 -9.38 -11.95
CA ALA B 105 -22.79 -10.33 -12.18
C ALA B 105 -22.50 -11.19 -13.41
N PRO B 106 -23.03 -12.41 -13.47
CA PRO B 106 -22.89 -13.19 -14.70
C PRO B 106 -23.46 -12.51 -15.93
N SER B 107 -24.58 -11.79 -15.77
CA SER B 107 -25.21 -11.10 -16.89
C SER B 107 -24.64 -9.71 -17.12
N GLY B 108 -23.77 -9.23 -16.24
CA GLY B 108 -23.10 -7.97 -16.45
C GLY B 108 -23.91 -6.73 -16.15
N ASN B 109 -25.17 -6.89 -15.72
CA ASN B 109 -26.03 -5.73 -15.48
C ASN B 109 -25.90 -5.17 -14.08
N TYR B 110 -25.56 -6.01 -13.09
CA TYR B 110 -25.40 -5.59 -11.71
C TYR B 110 -23.97 -5.80 -11.27
N VAL B 111 -23.55 -5.06 -10.24
CA VAL B 111 -22.28 -5.30 -9.59
C VAL B 111 -22.51 -5.26 -8.08
N ALA B 112 -21.58 -5.80 -7.32
CA ALA B 112 -21.71 -5.87 -5.88
C ALA B 112 -20.47 -5.29 -5.23
N CYS B 113 -20.46 -5.28 -3.91
CA CYS B 113 -19.28 -4.87 -3.16
C CYS B 113 -19.44 -5.38 -1.73
N GLY B 114 -18.56 -4.93 -0.85
CA GLY B 114 -18.63 -5.32 0.55
C GLY B 114 -17.33 -5.04 1.25
N GLY B 115 -17.39 -5.10 2.57
CA GLY B 115 -16.19 -4.82 3.34
C GLY B 115 -16.48 -4.74 4.83
N LEU B 116 -15.64 -3.97 5.53
CA LEU B 116 -15.74 -3.89 6.98
C LEU B 116 -17.09 -3.37 7.45
N ASP B 117 -17.84 -2.68 6.59
CA ASP B 117 -19.16 -2.22 6.99
C ASP B 117 -20.17 -3.35 7.13
N ASN B 118 -19.77 -4.61 6.92
CA ASN B 118 -20.62 -5.76 7.14
C ASN B 118 -21.82 -5.79 6.22
N ILE B 119 -21.82 -4.99 5.16
CA ILE B 119 -22.99 -4.77 4.34
C ILE B 119 -22.62 -5.04 2.88
N CYS B 120 -23.41 -5.89 2.22
CA CYS B 120 -23.21 -6.21 0.81
C CYS B 120 -24.07 -5.28 -0.03
N SER B 121 -23.46 -4.22 -0.55
CA SER B 121 -24.19 -3.30 -1.40
C SER B 121 -24.19 -3.80 -2.83
N ILE B 122 -25.30 -3.58 -3.53
CA ILE B 122 -25.48 -4.01 -4.92
C ILE B 122 -25.90 -2.81 -5.73
N TYR B 123 -25.20 -2.58 -6.85
CA TYR B 123 -25.29 -1.37 -7.64
C TYR B 123 -25.82 -1.75 -9.03
N ASN B 124 -26.78 -0.98 -9.52
CA ASN B 124 -27.34 -1.20 -10.85
C ASN B 124 -26.64 -0.28 -11.83
N LEU B 125 -26.00 -0.86 -12.85
CA LEU B 125 -25.16 -0.08 -13.75
C LEU B 125 -25.99 0.72 -14.76
N LYS B 126 -27.10 0.16 -15.24
CA LYS B 126 -27.88 0.76 -16.32
C LYS B 126 -29.10 1.45 -15.71
N THR B 127 -28.89 2.68 -15.24
CA THR B 127 -29.94 3.42 -14.56
C THR B 127 -31.10 3.78 -15.46
N ARG B 128 -30.88 3.84 -16.78
CA ARG B 128 -31.85 4.21 -17.80
C ARG B 128 -32.11 5.70 -17.83
N GLU B 129 -31.55 6.49 -16.91
CA GLU B 129 -31.71 7.94 -16.93
C GLU B 129 -30.43 8.71 -16.67
N GLY B 130 -29.38 8.08 -16.15
CA GLY B 130 -28.15 8.77 -15.84
C GLY B 130 -27.07 7.83 -15.34
N ASN B 131 -26.36 8.24 -14.30
CA ASN B 131 -25.31 7.41 -13.73
C ASN B 131 -25.92 6.35 -12.83
N VAL B 132 -25.08 5.65 -12.07
CA VAL B 132 -25.50 4.52 -11.25
C VAL B 132 -26.19 5.00 -9.98
N ARG B 133 -26.82 4.07 -9.26
CA ARG B 133 -27.41 4.35 -7.97
C ARG B 133 -27.39 3.07 -7.15
N VAL B 134 -27.24 3.21 -5.83
CA VAL B 134 -27.15 2.04 -4.96
C VAL B 134 -28.48 1.30 -5.02
N SER B 135 -28.48 0.13 -5.67
CA SER B 135 -29.74 -0.59 -5.88
C SER B 135 -30.25 -1.23 -4.59
N ARG B 136 -29.37 -1.85 -3.82
CA ARG B 136 -29.79 -2.51 -2.59
C ARG B 136 -28.62 -2.61 -1.64
N GLU B 137 -28.92 -2.93 -0.38
CA GLU B 137 -27.89 -3.09 0.64
C GLU B 137 -28.32 -4.21 1.57
N LEU B 138 -27.62 -5.33 1.52
CA LEU B 138 -27.93 -6.50 2.33
C LEU B 138 -27.14 -6.43 3.63
N ALA B 139 -27.86 -6.33 4.74
CA ALA B 139 -27.27 -6.29 6.07
C ALA B 139 -27.89 -7.38 6.92
N GLY B 140 -27.11 -7.86 7.88
CA GLY B 140 -27.52 -9.01 8.67
C GLY B 140 -26.37 -9.91 9.06
N HIS B 141 -25.19 -9.64 8.51
CA HIS B 141 -24.00 -10.31 8.95
C HIS B 141 -23.46 -9.65 10.21
N THR B 142 -22.81 -10.44 11.06
CA THR B 142 -22.25 -9.97 12.31
C THR B 142 -20.74 -9.74 12.22
N GLY B 143 -20.18 -9.75 11.01
CA GLY B 143 -18.76 -9.53 10.84
C GLY B 143 -18.47 -9.15 9.40
N TYR B 144 -17.27 -8.64 9.17
CA TYR B 144 -16.91 -8.11 7.87
C TYR B 144 -17.22 -9.12 6.78
N LEU B 145 -17.40 -8.65 5.56
CA LEU B 145 -17.79 -9.51 4.43
C LEU B 145 -16.54 -9.79 3.61
N SER B 146 -16.11 -11.05 3.59
CA SER B 146 -14.80 -11.40 3.04
C SER B 146 -14.88 -11.99 1.64
N CYS B 147 -16.07 -12.34 1.14
CA CYS B 147 -16.20 -12.78 -0.24
C CYS B 147 -17.69 -12.91 -0.55
N CYS B 148 -18.00 -12.82 -1.84
CA CYS B 148 -19.39 -12.88 -2.29
C CYS B 148 -19.46 -13.08 -3.79
N ARG B 149 -20.27 -14.03 -4.25
CA ARG B 149 -20.40 -14.29 -5.67
C ARG B 149 -21.87 -14.52 -6.01
N PHE B 150 -22.30 -13.95 -7.13
CA PHE B 150 -23.68 -14.11 -7.58
C PHE B 150 -23.93 -15.56 -7.98
N LEU B 151 -25.03 -16.14 -7.52
CA LEU B 151 -25.52 -17.37 -8.13
C LEU B 151 -26.19 -17.07 -9.46
N ASP B 152 -26.97 -15.99 -9.51
CA ASP B 152 -27.57 -15.48 -10.74
C ASP B 152 -27.87 -14.00 -10.49
N ASP B 153 -28.71 -13.42 -11.34
CA ASP B 153 -28.95 -11.98 -11.21
C ASP B 153 -29.80 -11.63 -9.99
N ASN B 154 -30.26 -12.62 -9.21
CA ASN B 154 -31.06 -12.36 -8.02
C ASN B 154 -30.34 -12.82 -6.74
N GLN B 155 -29.98 -14.10 -6.65
CA GLN B 155 -29.41 -14.64 -5.43
C GLN B 155 -27.92 -14.36 -5.36
N ILE B 156 -27.44 -14.05 -4.16
CA ILE B 156 -26.03 -13.82 -3.91
C ILE B 156 -25.66 -14.53 -2.61
N VAL B 157 -24.56 -15.27 -2.63
CA VAL B 157 -24.12 -16.05 -1.47
C VAL B 157 -22.85 -15.40 -0.94
N THR B 158 -22.94 -14.85 0.26
CA THR B 158 -21.85 -14.11 0.87
C THR B 158 -21.27 -14.90 2.04
N SER B 159 -20.08 -14.49 2.47
CA SER B 159 -19.41 -15.13 3.58
C SER B 159 -18.68 -14.05 4.37
N SER B 160 -18.64 -14.21 5.69
CA SER B 160 -18.15 -13.17 6.57
C SER B 160 -17.23 -13.77 7.61
N GLY B 161 -16.64 -12.91 8.42
CA GLY B 161 -15.87 -13.31 9.57
C GLY B 161 -16.71 -13.71 10.75
N ASP B 162 -18.02 -13.76 10.59
CA ASP B 162 -18.93 -14.22 11.63
C ASP B 162 -18.90 -15.73 11.79
N THR B 163 -18.02 -16.43 11.08
CA THR B 163 -17.90 -17.88 11.16
C THR B 163 -19.08 -18.57 10.49
N THR B 164 -19.65 -17.94 9.47
CA THR B 164 -20.81 -18.50 8.78
C THR B 164 -20.79 -18.03 7.34
N CYS B 165 -21.70 -18.60 6.54
CA CYS B 165 -22.01 -18.08 5.22
C CYS B 165 -23.51 -17.88 5.12
N ALA B 166 -23.97 -17.16 4.11
CA ALA B 166 -25.39 -16.90 3.99
C ALA B 166 -25.78 -16.71 2.54
N LEU B 167 -26.84 -17.40 2.13
CA LEU B 167 -27.46 -17.22 0.82
C LEU B 167 -28.60 -16.22 0.98
N TRP B 168 -28.52 -15.11 0.24
CA TRP B 168 -29.44 -14.00 0.34
C TRP B 168 -30.48 -14.04 -0.77
N ASP B 169 -31.26 -12.97 -0.88
CA ASP B 169 -32.24 -12.81 -1.95
C ASP B 169 -32.30 -11.34 -2.29
N ILE B 170 -31.54 -10.93 -3.32
CA ILE B 170 -31.37 -9.51 -3.61
C ILE B 170 -32.69 -8.82 -3.90
N GLU B 171 -33.77 -9.57 -4.13
CA GLU B 171 -35.06 -8.94 -4.39
C GLU B 171 -35.66 -8.38 -3.11
N THR B 172 -35.55 -9.12 -2.01
CA THR B 172 -36.18 -8.74 -0.75
C THR B 172 -35.19 -8.51 0.38
N GLY B 173 -33.91 -8.73 0.16
CA GLY B 173 -32.91 -8.47 1.18
C GLY B 173 -33.10 -9.28 2.45
N GLN B 174 -33.44 -10.56 2.31
CA GLN B 174 -33.64 -11.44 3.46
C GLN B 174 -32.83 -12.72 3.24
N GLN B 175 -32.06 -13.10 4.26
CA GLN B 175 -31.29 -14.34 4.19
C GLN B 175 -32.19 -15.51 3.85
N THR B 176 -32.00 -16.12 2.69
CA THR B 176 -32.77 -17.31 2.36
C THR B 176 -32.24 -18.53 3.09
N THR B 177 -30.92 -18.60 3.32
CA THR B 177 -30.36 -19.73 4.04
C THR B 177 -29.08 -19.29 4.73
N THR B 178 -28.71 -20.02 5.78
CA THR B 178 -27.49 -19.73 6.53
C THR B 178 -26.71 -21.01 6.73
N PHE B 179 -25.43 -20.99 6.35
CA PHE B 179 -24.54 -22.13 6.50
C PHE B 179 -23.70 -21.90 7.75
N THR B 180 -24.04 -22.61 8.80
CA THR B 180 -23.31 -22.57 10.06
C THR B 180 -22.75 -23.95 10.36
N GLY B 181 -21.66 -23.97 11.11
CA GLY B 181 -20.97 -25.21 11.42
C GLY B 181 -19.49 -25.10 11.18
N HIS B 182 -19.03 -23.89 10.87
CA HIS B 182 -17.67 -23.63 10.46
C HIS B 182 -17.00 -22.86 11.59
N THR B 183 -15.94 -23.44 12.17
CA THR B 183 -15.42 -22.93 13.44
C THR B 183 -14.82 -21.54 13.28
N GLY B 184 -13.77 -21.42 12.47
CA GLY B 184 -13.07 -20.15 12.35
C GLY B 184 -13.83 -19.12 11.53
N ASP B 185 -13.11 -18.27 10.83
CA ASP B 185 -13.72 -17.32 9.91
C ASP B 185 -14.06 -18.06 8.62
N VAL B 186 -14.37 -17.30 7.56
CA VAL B 186 -14.51 -17.85 6.21
C VAL B 186 -13.74 -16.91 5.30
N MET B 187 -12.48 -17.22 5.04
CA MET B 187 -11.62 -16.27 4.35
C MET B 187 -11.88 -16.21 2.86
N SER B 188 -12.52 -17.22 2.28
CA SER B 188 -12.89 -17.16 0.87
C SER B 188 -13.66 -18.43 0.53
N LEU B 189 -14.41 -18.36 -0.56
CA LEU B 189 -15.18 -19.48 -1.06
C LEU B 189 -15.08 -19.52 -2.57
N SER B 190 -15.84 -20.42 -3.18
CA SER B 190 -15.93 -20.48 -4.63
C SER B 190 -17.09 -21.37 -5.04
N LEU B 191 -17.90 -20.91 -5.98
CA LEU B 191 -19.04 -21.70 -6.42
C LEU B 191 -18.56 -22.84 -7.31
N ALA B 192 -19.48 -23.71 -7.67
CA ALA B 192 -19.22 -24.81 -8.58
C ALA B 192 -19.62 -24.42 -9.99
N PRO B 193 -19.26 -25.22 -10.99
CA PRO B 193 -19.71 -24.93 -12.35
C PRO B 193 -21.22 -24.81 -12.48
N ASP B 194 -21.98 -25.65 -11.79
CA ASP B 194 -23.42 -25.67 -11.91
C ASP B 194 -24.13 -24.82 -10.85
N THR B 195 -23.38 -24.19 -9.95
CA THR B 195 -23.97 -23.35 -8.90
C THR B 195 -24.97 -24.14 -8.06
N ARG B 196 -24.59 -25.36 -7.69
CA ARG B 196 -25.37 -26.16 -6.74
C ARG B 196 -24.52 -26.66 -5.58
N LEU B 197 -23.25 -26.28 -5.51
CA LEU B 197 -22.36 -26.61 -4.41
C LEU B 197 -21.32 -25.51 -4.33
N PHE B 198 -20.67 -25.38 -3.18
CA PHE B 198 -19.59 -24.43 -3.07
C PHE B 198 -18.76 -24.76 -1.85
N VAL B 199 -17.44 -24.66 -2.00
CA VAL B 199 -16.50 -24.96 -0.92
C VAL B 199 -16.12 -23.67 -0.24
N SER B 200 -16.16 -23.67 1.09
CA SER B 200 -15.78 -22.51 1.89
C SER B 200 -14.55 -22.85 2.70
N GLY B 201 -13.56 -21.96 2.68
CA GLY B 201 -12.32 -22.17 3.39
C GLY B 201 -12.16 -21.25 4.57
N ALA B 202 -12.19 -21.81 5.77
CA ALA B 202 -12.10 -21.01 6.98
C ALA B 202 -10.65 -20.64 7.25
N CYS B 203 -10.46 -19.77 8.25
CA CYS B 203 -9.16 -19.54 8.85
C CYS B 203 -8.88 -20.55 9.96
N ASP B 204 -9.64 -21.65 9.98
CA ASP B 204 -9.46 -22.71 10.94
C ASP B 204 -8.63 -23.86 10.38
N ALA B 205 -7.98 -23.65 9.25
CA ALA B 205 -7.19 -24.69 8.59
C ALA B 205 -8.09 -25.87 8.22
N SER B 206 -9.12 -25.58 7.43
CA SER B 206 -10.05 -26.60 6.96
C SER B 206 -10.91 -26.00 5.86
N ALA B 207 -11.55 -26.87 5.11
CA ALA B 207 -12.52 -26.45 4.10
C ALA B 207 -13.75 -27.33 4.22
N LYS B 208 -14.89 -26.80 3.77
CA LYS B 208 -16.14 -27.55 3.87
C LYS B 208 -16.92 -27.40 2.58
N LEU B 209 -17.43 -28.51 2.06
CA LEU B 209 -18.16 -28.51 0.79
C LEU B 209 -19.64 -28.25 1.07
N TRP B 210 -19.96 -26.98 1.26
CA TRP B 210 -21.33 -26.59 1.56
C TRP B 210 -22.23 -26.88 0.37
N ASP B 211 -23.39 -27.44 0.66
CA ASP B 211 -24.46 -27.54 -0.32
C ASP B 211 -25.20 -26.22 -0.38
N VAL B 212 -26.18 -26.13 -1.28
CA VAL B 212 -27.02 -24.94 -1.42
C VAL B 212 -28.49 -25.26 -1.30
N ARG B 213 -28.96 -26.33 -1.93
CA ARG B 213 -30.39 -26.64 -1.92
C ARG B 213 -30.88 -26.88 -0.50
N GLU B 214 -30.21 -27.76 0.24
CA GLU B 214 -30.65 -28.15 1.57
C GLU B 214 -29.86 -27.49 2.69
N GLY B 215 -28.96 -26.57 2.37
CA GLY B 215 -28.31 -25.78 3.40
C GLY B 215 -27.56 -26.58 4.44
N MET B 216 -26.82 -27.60 4.01
CA MET B 216 -26.08 -28.45 4.93
C MET B 216 -24.77 -28.88 4.28
N CYS B 217 -23.71 -28.93 5.09
CA CYS B 217 -22.44 -29.42 4.59
C CYS B 217 -22.58 -30.85 4.09
N ARG B 218 -21.59 -31.29 3.36
CA ARG B 218 -21.52 -32.70 2.94
C ARG B 218 -20.18 -33.33 3.25
N GLN B 219 -19.09 -32.58 3.14
CA GLN B 219 -17.77 -33.12 3.44
C GLN B 219 -16.92 -32.02 4.07
N THR B 220 -15.93 -32.44 4.84
CA THR B 220 -14.97 -31.54 5.47
C THR B 220 -13.57 -32.05 5.20
N PHE B 221 -12.69 -31.16 4.74
CA PHE B 221 -11.32 -31.51 4.40
C PHE B 221 -10.36 -30.77 5.33
N THR B 222 -9.42 -31.51 5.89
CA THR B 222 -8.42 -30.96 6.79
C THR B 222 -7.05 -31.46 6.37
N GLY B 223 -6.01 -30.81 6.88
CA GLY B 223 -4.67 -31.15 6.52
C GLY B 223 -3.78 -29.92 6.43
N HIS B 224 -4.38 -28.77 6.14
CA HIS B 224 -3.63 -27.53 6.19
C HIS B 224 -3.24 -27.22 7.63
N GLU B 225 -2.12 -26.52 7.79
CA GLU B 225 -1.57 -26.22 9.10
C GLU B 225 -1.84 -24.79 9.55
N SER B 226 -2.60 -24.01 8.78
CA SER B 226 -2.86 -22.62 9.15
C SER B 226 -4.05 -22.12 8.34
N ASP B 227 -4.27 -20.80 8.37
CA ASP B 227 -5.41 -20.22 7.70
C ASP B 227 -5.44 -20.61 6.22
N ILE B 228 -6.60 -20.41 5.61
CA ILE B 228 -6.79 -20.72 4.19
C ILE B 228 -7.29 -19.46 3.48
N ASN B 229 -6.39 -18.73 2.84
CA ASN B 229 -6.73 -17.43 2.29
C ASN B 229 -7.35 -17.49 0.91
N ALA B 230 -7.44 -18.67 0.30
CA ALA B 230 -7.98 -18.77 -1.04
C ALA B 230 -8.47 -20.18 -1.30
N ILE B 231 -9.26 -20.33 -2.35
CA ILE B 231 -9.82 -21.62 -2.71
C ILE B 231 -10.38 -21.52 -4.11
N CYS B 232 -10.39 -22.64 -4.85
CA CYS B 232 -10.92 -22.63 -6.21
C CYS B 232 -11.24 -24.06 -6.61
N PHE B 233 -12.02 -24.20 -7.69
CA PHE B 233 -12.41 -25.49 -8.23
C PHE B 233 -11.60 -25.88 -9.46
N PHE B 234 -11.38 -27.18 -9.60
CA PHE B 234 -11.01 -27.74 -10.88
C PHE B 234 -12.17 -27.54 -11.84
N PRO B 235 -11.95 -27.01 -13.05
CA PRO B 235 -13.07 -26.57 -13.87
C PRO B 235 -14.20 -27.58 -14.08
N ASN B 236 -13.99 -28.84 -13.72
CA ASN B 236 -15.04 -29.84 -13.82
C ASN B 236 -15.69 -30.13 -12.47
N GLY B 237 -15.45 -29.30 -11.46
CA GLY B 237 -16.17 -29.41 -10.21
C GLY B 237 -16.05 -30.76 -9.51
N ASN B 238 -14.84 -31.33 -9.50
CA ASN B 238 -14.61 -32.56 -8.74
C ASN B 238 -13.27 -32.52 -8.02
N ALA B 239 -12.72 -31.34 -7.78
CA ALA B 239 -11.47 -31.17 -7.05
C ALA B 239 -11.28 -29.68 -6.82
N PHE B 240 -10.64 -29.33 -5.71
CA PHE B 240 -10.44 -27.93 -5.38
C PHE B 240 -9.07 -27.71 -4.76
N ALA B 241 -8.46 -26.58 -5.09
CA ALA B 241 -7.12 -26.25 -4.65
C ALA B 241 -7.20 -25.17 -3.57
N THR B 242 -6.61 -25.44 -2.42
CA THR B 242 -6.63 -24.52 -1.30
C THR B 242 -5.27 -23.84 -1.19
N GLY B 243 -5.28 -22.52 -1.02
CA GLY B 243 -4.06 -21.77 -0.81
C GLY B 243 -4.05 -21.16 0.58
N SER B 244 -3.11 -21.58 1.41
CA SER B 244 -3.09 -21.21 2.81
C SER B 244 -2.02 -20.17 3.10
N ASP B 245 -2.00 -19.70 4.34
CA ASP B 245 -0.89 -18.93 4.86
C ASP B 245 0.23 -19.82 5.36
N ASP B 246 0.06 -21.14 5.28
CA ASP B 246 1.13 -22.09 5.51
C ASP B 246 2.21 -22.04 4.45
N ALA B 247 2.01 -21.25 3.39
CA ALA B 247 2.90 -21.08 2.25
C ALA B 247 2.75 -22.21 1.24
N THR B 248 1.91 -23.20 1.48
CA THR B 248 1.79 -24.36 0.60
C THR B 248 0.37 -24.41 0.06
N CYS B 249 0.24 -24.61 -1.25
CA CYS B 249 -1.05 -24.95 -1.82
C CYS B 249 -1.28 -26.46 -1.67
N ARG B 250 -2.54 -26.85 -1.70
CA ARG B 250 -2.87 -28.27 -1.64
C ARG B 250 -4.02 -28.53 -2.61
N LEU B 251 -4.08 -29.76 -3.12
CA LEU B 251 -5.12 -30.16 -4.06
C LEU B 251 -5.96 -31.25 -3.41
N PHE B 252 -7.20 -30.91 -3.05
CA PHE B 252 -8.11 -31.84 -2.39
C PHE B 252 -9.12 -32.39 -3.39
N ASP B 253 -9.50 -33.64 -3.15
CA ASP B 253 -10.39 -34.40 -4.03
C ASP B 253 -11.75 -34.53 -3.37
N LEU B 254 -12.79 -34.06 -4.06
CA LEU B 254 -14.15 -34.14 -3.50
C LEU B 254 -14.63 -35.58 -3.45
N ARG B 255 -14.48 -36.32 -4.55
CA ARG B 255 -14.99 -37.69 -4.60
C ARG B 255 -14.25 -38.59 -3.61
N ALA B 256 -12.93 -38.74 -3.80
CA ALA B 256 -12.17 -39.59 -2.90
C ALA B 256 -12.14 -39.01 -1.49
N ASP B 257 -12.34 -37.71 -1.35
CA ASP B 257 -12.37 -37.06 -0.04
C ASP B 257 -11.06 -37.25 0.71
N GLN B 258 -9.98 -36.86 0.06
CA GLN B 258 -8.64 -36.97 0.65
C GLN B 258 -7.79 -35.82 0.12
N GLU B 259 -6.48 -35.96 0.26
CA GLU B 259 -5.50 -35.01 -0.25
C GLU B 259 -4.70 -35.68 -1.35
N LEU B 260 -4.45 -34.96 -2.44
CA LEU B 260 -3.79 -35.53 -3.60
C LEU B 260 -2.38 -35.00 -3.78
N MET B 261 -2.19 -33.69 -3.85
CA MET B 261 -0.88 -33.10 -4.07
C MET B 261 -0.71 -31.93 -3.12
N THR B 262 0.55 -31.59 -2.88
CA THR B 262 0.93 -30.45 -2.06
C THR B 262 2.01 -29.67 -2.80
N TYR B 263 1.69 -28.44 -3.18
CA TYR B 263 2.59 -27.59 -3.94
C TYR B 263 3.30 -26.67 -2.97
N SER B 264 4.58 -26.96 -2.71
CA SER B 264 5.39 -26.23 -1.75
C SER B 264 6.84 -26.28 -2.21
N HIS B 265 7.64 -25.36 -1.68
CA HIS B 265 9.05 -25.33 -2.01
C HIS B 265 9.81 -24.64 -0.87
N ASP B 266 11.10 -24.96 -0.77
CA ASP B 266 11.91 -24.38 0.29
C ASP B 266 12.08 -22.88 0.12
N ASN B 267 12.28 -22.43 -1.12
CA ASN B 267 12.59 -21.03 -1.37
C ASN B 267 11.44 -20.08 -1.07
N ILE B 268 10.23 -20.60 -0.86
CA ILE B 268 9.05 -19.78 -0.57
C ILE B 268 8.64 -20.04 0.87
N ILE B 269 8.46 -18.97 1.64
CA ILE B 269 8.08 -19.08 3.04
C ILE B 269 6.88 -18.19 3.33
N CYS B 270 6.53 -17.32 2.38
CA CYS B 270 5.37 -16.46 2.54
C CYS B 270 4.10 -17.25 2.29
N GLY B 271 2.96 -16.62 2.58
CA GLY B 271 1.66 -17.27 2.47
C GLY B 271 0.93 -16.85 1.21
N ILE B 272 0.22 -17.80 0.61
CA ILE B 272 -0.59 -17.51 -0.56
C ILE B 272 -1.72 -16.56 -0.18
N THR B 273 -2.21 -15.82 -1.17
CA THR B 273 -3.34 -14.93 -0.98
C THR B 273 -4.37 -15.04 -2.09
N SER B 274 -4.18 -15.94 -3.05
CA SER B 274 -5.15 -16.17 -4.11
C SER B 274 -4.65 -17.33 -4.95
N VAL B 275 -5.58 -18.12 -5.49
CA VAL B 275 -5.24 -19.18 -6.42
C VAL B 275 -6.24 -19.17 -7.56
N SER B 276 -5.86 -19.81 -8.65
CA SER B 276 -6.76 -19.96 -9.79
C SER B 276 -6.22 -21.03 -10.71
N PHE B 277 -7.08 -21.51 -11.60
CA PHE B 277 -6.74 -22.56 -12.54
C PHE B 277 -6.80 -22.02 -13.97
N SER B 278 -5.99 -22.60 -14.84
CA SER B 278 -6.17 -22.35 -16.26
C SER B 278 -7.43 -23.04 -16.75
N LYS B 279 -7.96 -22.56 -17.88
CA LYS B 279 -9.20 -23.12 -18.39
C LYS B 279 -9.08 -24.63 -18.61
N SER B 280 -7.88 -25.12 -18.88
CA SER B 280 -7.63 -26.56 -18.95
C SER B 280 -7.42 -27.18 -17.58
N GLY B 281 -7.36 -26.36 -16.53
CA GLY B 281 -7.15 -26.88 -15.19
C GLY B 281 -5.79 -27.52 -15.01
N ARG B 282 -4.76 -27.00 -15.68
CA ARG B 282 -3.41 -27.51 -15.50
C ARG B 282 -2.43 -26.36 -15.36
N LEU B 283 -2.83 -25.31 -14.65
CA LEU B 283 -1.88 -24.28 -14.24
C LEU B 283 -2.45 -23.63 -12.98
N LEU B 284 -2.02 -24.11 -11.82
CA LEU B 284 -2.51 -23.56 -10.55
C LEU B 284 -1.76 -22.27 -10.26
N LEU B 285 -2.20 -21.20 -10.91
CA LEU B 285 -1.61 -19.88 -10.70
C LEU B 285 -1.87 -19.47 -9.25
N ALA B 286 -0.82 -19.36 -8.45
CA ALA B 286 -0.94 -19.01 -7.05
C ALA B 286 -0.26 -17.68 -6.82
N GLY B 287 -1.04 -16.67 -6.41
CA GLY B 287 -0.50 -15.34 -6.22
C GLY B 287 0.07 -15.14 -4.83
N TYR B 288 1.38 -15.31 -4.71
CA TYR B 288 2.01 -15.28 -3.40
C TYR B 288 2.03 -13.85 -2.87
N ASP B 289 2.53 -13.71 -1.63
CA ASP B 289 2.71 -12.41 -1.00
C ASP B 289 4.16 -11.94 -1.08
N ASP B 290 5.01 -12.65 -1.80
CA ASP B 290 6.41 -12.28 -1.98
C ASP B 290 6.61 -11.39 -3.18
N PHE B 291 5.61 -10.60 -3.56
CA PHE B 291 5.58 -9.70 -4.70
C PHE B 291 5.36 -10.50 -5.97
N ASN B 292 5.29 -11.83 -5.90
CA ASN B 292 5.30 -12.71 -7.04
C ASN B 292 3.95 -13.41 -7.21
N CYS B 293 3.79 -14.07 -8.36
CA CYS B 293 2.60 -14.84 -8.67
C CYS B 293 3.05 -16.10 -9.40
N ASN B 294 3.33 -17.16 -8.65
CA ASN B 294 3.96 -18.35 -9.23
C ASN B 294 2.95 -19.16 -10.02
N VAL B 295 3.33 -19.56 -11.21
CA VAL B 295 2.58 -20.59 -11.93
C VAL B 295 3.03 -21.94 -11.45
N TRP B 296 2.12 -22.90 -11.44
CA TRP B 296 2.43 -24.25 -10.99
C TRP B 296 2.05 -25.24 -12.08
N ASP B 297 2.13 -26.54 -11.78
CA ASP B 297 1.74 -27.59 -12.71
C ASP B 297 0.87 -28.55 -11.93
N ALA B 298 -0.44 -28.32 -11.98
CA ALA B 298 -1.38 -28.94 -11.04
C ALA B 298 -1.29 -30.46 -11.00
N LEU B 299 -0.56 -31.09 -11.91
CA LEU B 299 -0.49 -32.55 -11.95
C LEU B 299 0.84 -33.12 -11.50
N LYS B 300 1.88 -32.30 -11.37
CA LYS B 300 3.19 -32.78 -10.95
C LYS B 300 3.86 -31.91 -9.90
N ALA B 301 3.31 -30.73 -9.60
CA ALA B 301 3.80 -29.81 -8.59
C ALA B 301 5.06 -29.06 -9.03
N ASP B 302 5.62 -29.38 -10.19
CA ASP B 302 6.85 -28.73 -10.63
C ASP B 302 6.53 -27.33 -11.12
N ARG B 303 6.89 -26.32 -10.32
CA ARG B 303 6.68 -24.94 -10.74
C ARG B 303 7.21 -24.73 -12.14
N ALA B 304 6.45 -24.02 -12.95
CA ALA B 304 6.77 -23.85 -14.37
C ALA B 304 6.57 -22.41 -14.80
N GLY B 305 7.06 -21.47 -14.01
CA GLY B 305 6.99 -20.07 -14.39
C GLY B 305 7.01 -19.19 -13.17
N VAL B 306 6.98 -17.88 -13.43
CA VAL B 306 6.80 -16.90 -12.37
C VAL B 306 6.37 -15.58 -12.98
N LEU B 307 5.28 -15.01 -12.48
CA LEU B 307 4.78 -13.72 -12.96
C LEU B 307 5.20 -12.63 -11.97
N ALA B 308 6.50 -12.36 -11.93
CA ALA B 308 7.07 -11.40 -11.00
C ALA B 308 7.18 -10.04 -11.68
N GLY B 309 6.22 -9.17 -11.42
CA GLY B 309 6.27 -7.83 -11.98
C GLY B 309 5.69 -6.73 -11.10
N HIS B 310 5.35 -7.06 -9.86
CA HIS B 310 4.59 -6.16 -9.01
C HIS B 310 5.48 -5.60 -7.91
N ASP B 311 5.27 -4.32 -7.58
CA ASP B 311 6.06 -3.66 -6.54
C ASP B 311 5.51 -3.91 -5.15
N ASN B 312 4.34 -4.54 -5.03
CA ASN B 312 3.74 -4.85 -3.73
C ASN B 312 2.94 -6.14 -3.89
N ARG B 313 2.65 -6.78 -2.75
CA ARG B 313 2.12 -8.14 -2.79
C ARG B 313 0.90 -8.21 -3.69
N VAL B 314 0.69 -9.38 -4.29
CA VAL B 314 -0.43 -9.61 -5.18
C VAL B 314 -1.62 -10.07 -4.35
N SER B 315 -2.73 -9.34 -4.44
CA SER B 315 -3.92 -9.64 -3.66
C SER B 315 -5.07 -10.16 -4.50
N CYS B 316 -5.03 -9.97 -5.82
CA CYS B 316 -6.10 -10.39 -6.70
C CYS B 316 -5.51 -11.17 -7.86
N LEU B 317 -6.18 -12.23 -8.27
CA LEU B 317 -5.68 -13.08 -9.35
C LEU B 317 -6.86 -13.75 -10.02
N GLY B 318 -7.10 -13.44 -11.29
CA GLY B 318 -8.25 -14.00 -11.97
C GLY B 318 -8.03 -14.32 -13.43
N VAL B 319 -8.42 -15.51 -13.84
CA VAL B 319 -8.31 -15.95 -15.22
C VAL B 319 -9.69 -15.83 -15.86
N THR B 320 -9.77 -15.21 -17.03
CA THR B 320 -11.05 -15.02 -17.67
C THR B 320 -11.70 -16.37 -17.97
N ASP B 321 -13.00 -16.32 -18.30
CA ASP B 321 -13.70 -17.54 -18.67
C ASP B 321 -13.30 -18.01 -20.05
N ASP B 322 -12.87 -17.09 -20.92
CA ASP B 322 -12.33 -17.50 -22.21
C ASP B 322 -11.09 -18.35 -22.03
N GLY B 323 -10.21 -17.96 -21.11
CA GLY B 323 -9.05 -18.73 -20.75
C GLY B 323 -7.72 -18.13 -21.15
N MET B 324 -7.71 -16.95 -21.76
CA MET B 324 -6.51 -16.42 -22.41
C MET B 324 -6.04 -15.11 -21.78
N ALA B 325 -5.99 -15.06 -20.46
CA ALA B 325 -5.46 -13.89 -19.77
C ALA B 325 -5.44 -14.17 -18.28
N VAL B 326 -4.66 -13.39 -17.56
CA VAL B 326 -4.54 -13.50 -16.11
C VAL B 326 -4.40 -12.09 -15.57
N ALA B 327 -5.46 -11.56 -14.97
CA ALA B 327 -5.40 -10.24 -14.39
C ALA B 327 -4.97 -10.37 -12.93
N THR B 328 -3.89 -9.67 -12.57
CA THR B 328 -3.38 -9.68 -11.21
C THR B 328 -3.37 -8.27 -10.66
N GLY B 329 -3.82 -8.15 -9.42
CA GLY B 329 -3.89 -6.85 -8.77
C GLY B 329 -3.13 -6.86 -7.46
N SER B 330 -2.28 -5.87 -7.26
CA SER B 330 -1.41 -5.80 -6.10
C SER B 330 -1.69 -4.52 -5.33
N TRP B 331 -1.12 -4.45 -4.14
CA TRP B 331 -1.30 -3.31 -3.26
C TRP B 331 -0.64 -2.05 -3.77
N ASP B 332 -0.05 -2.01 -4.96
CA ASP B 332 0.57 -0.81 -5.48
C ASP B 332 -0.33 -0.05 -6.45
N SER B 333 -1.61 -0.40 -6.51
CA SER B 333 -2.64 0.34 -7.24
C SER B 333 -2.67 0.07 -8.73
N PHE B 334 -1.90 -0.88 -9.25
CA PHE B 334 -1.89 -1.18 -10.67
C PHE B 334 -2.41 -2.60 -10.89
N LEU B 335 -3.28 -2.75 -11.89
CA LEU B 335 -3.69 -4.06 -12.37
C LEU B 335 -2.87 -4.42 -13.59
N LYS B 336 -2.34 -5.63 -13.62
CA LYS B 336 -1.59 -6.12 -14.75
C LYS B 336 -2.37 -7.22 -15.44
N ILE B 337 -2.12 -7.40 -16.74
CA ILE B 337 -2.81 -8.41 -17.54
C ILE B 337 -1.73 -9.26 -18.19
N TRP B 338 -1.41 -10.38 -17.54
CA TRP B 338 -0.30 -11.24 -17.96
C TRP B 338 -0.77 -12.25 -19.01
N ASN B 339 -1.06 -11.75 -20.19
CA ASN B 339 -1.51 -12.61 -21.28
C ASN B 339 -0.55 -13.77 -21.47
N SER C 8 -24.01 -26.18 25.71
CA SER C 8 -22.87 -27.03 25.39
C SER C 8 -23.32 -28.40 24.92
N ILE C 9 -24.26 -28.99 25.65
CA ILE C 9 -24.70 -30.36 25.34
C ILE C 9 -25.32 -30.41 23.96
N ALA C 10 -26.27 -29.52 23.68
CA ALA C 10 -27.00 -29.57 22.42
C ALA C 10 -26.06 -29.33 21.24
N GLN C 11 -25.15 -28.37 21.38
CA GLN C 11 -24.20 -28.10 20.29
C GLN C 11 -23.32 -29.32 20.03
N ALA C 12 -22.86 -29.98 21.10
CA ALA C 12 -22.05 -31.18 20.92
C ALA C 12 -22.85 -32.29 20.24
N ARG C 13 -24.12 -32.45 20.63
CA ARG C 13 -24.94 -33.48 20.00
C ARG C 13 -25.15 -33.19 18.52
N LYS C 14 -25.37 -31.92 18.17
CA LYS C 14 -25.52 -31.58 16.76
C LYS C 14 -24.24 -31.83 15.99
N LEU C 15 -23.09 -31.51 16.60
CA LEU C 15 -21.81 -31.80 15.97
C LEU C 15 -21.65 -33.30 15.73
N VAL C 16 -22.03 -34.10 16.73
CA VAL C 16 -21.92 -35.55 16.61
C VAL C 16 -22.82 -36.06 15.49
N GLU C 17 -24.04 -35.53 15.41
CA GLU C 17 -24.95 -35.96 14.34
C GLU C 17 -24.37 -35.62 12.97
N GLN C 18 -23.83 -34.41 12.81
CA GLN C 18 -23.21 -34.05 11.54
C GLN C 18 -22.04 -34.97 11.21
N LEU C 19 -21.20 -35.25 12.21
CA LEU C 19 -20.04 -36.10 11.97
C LEU C 19 -20.47 -37.50 11.56
N LYS C 20 -21.47 -38.06 12.24
CA LYS C 20 -21.94 -39.39 11.88
C LYS C 20 -22.54 -39.40 10.48
N MET C 21 -23.26 -38.35 10.12
CA MET C 21 -23.83 -38.26 8.78
C MET C 21 -22.73 -38.22 7.72
N GLU C 22 -21.65 -37.49 8.00
CA GLU C 22 -20.59 -37.34 7.01
C GLU C 22 -19.56 -38.46 7.03
N ALA C 23 -19.59 -39.32 8.05
CA ALA C 23 -18.60 -40.39 8.14
C ALA C 23 -18.89 -41.51 7.15
N ASN C 24 -20.17 -41.90 7.02
CA ASN C 24 -20.54 -43.07 6.24
C ASN C 24 -20.72 -42.79 4.75
N ILE C 25 -20.41 -41.58 4.30
CA ILE C 25 -20.44 -41.31 2.87
C ILE C 25 -19.48 -42.24 2.16
N ASP C 26 -19.78 -42.54 0.89
CA ASP C 26 -18.97 -43.45 0.10
C ASP C 26 -17.94 -42.68 -0.72
N ARG C 27 -16.92 -43.39 -1.16
CA ARG C 27 -15.72 -42.78 -1.74
C ARG C 27 -15.23 -43.66 -2.88
N ILE C 28 -14.05 -43.33 -3.41
CA ILE C 28 -13.43 -44.09 -4.47
C ILE C 28 -11.91 -44.01 -4.30
N LYS C 29 -11.23 -45.10 -4.66
CA LYS C 29 -9.78 -45.14 -4.50
C LYS C 29 -9.13 -43.95 -5.20
N VAL C 30 -7.94 -43.58 -4.71
CA VAL C 30 -7.24 -42.44 -5.28
C VAL C 30 -6.97 -42.67 -6.76
N SER C 31 -6.84 -43.93 -7.19
CA SER C 31 -6.47 -44.20 -8.57
C SER C 31 -7.52 -43.65 -9.54
N LYS C 32 -8.79 -43.89 -9.26
CA LYS C 32 -9.84 -43.44 -10.16
C LYS C 32 -9.90 -41.92 -10.22
N ALA C 33 -9.73 -41.25 -9.07
CA ALA C 33 -9.72 -39.79 -9.07
C ALA C 33 -8.54 -39.25 -9.85
N ALA C 34 -7.37 -39.85 -9.68
CA ALA C 34 -6.19 -39.42 -10.44
C ALA C 34 -6.43 -39.57 -11.94
N ALA C 35 -7.00 -40.71 -12.34
CA ALA C 35 -7.28 -40.93 -13.76
C ALA C 35 -8.27 -39.90 -14.28
N ASP C 36 -9.35 -39.66 -13.53
CA ASP C 36 -10.35 -38.70 -13.98
C ASP C 36 -9.84 -37.27 -13.92
N LEU C 37 -8.75 -37.02 -13.21
CA LEU C 37 -8.13 -35.70 -13.24
C LEU C 37 -7.27 -35.54 -14.49
N MET C 38 -6.33 -36.47 -14.70
CA MET C 38 -5.42 -36.30 -15.84
C MET C 38 -6.15 -36.46 -17.16
N ALA C 39 -7.18 -37.32 -17.23
CA ALA C 39 -7.93 -37.47 -18.47
C ALA C 39 -8.63 -36.16 -18.84
N TYR C 40 -9.27 -35.52 -17.87
CA TYR C 40 -9.90 -34.23 -18.17
C TYR C 40 -8.84 -33.20 -18.56
N CYS C 41 -7.71 -33.17 -17.86
CA CYS C 41 -6.69 -32.20 -18.19
C CYS C 41 -6.22 -32.37 -19.62
N GLU C 42 -6.02 -33.60 -20.06
CA GLU C 42 -5.65 -33.85 -21.45
C GLU C 42 -6.77 -33.44 -22.40
N ALA C 43 -8.02 -33.72 -22.03
CA ALA C 43 -9.13 -33.58 -22.98
C ALA C 43 -9.23 -32.17 -23.54
N HIS C 44 -8.83 -31.16 -22.78
CA HIS C 44 -8.98 -29.76 -23.16
C HIS C 44 -7.65 -29.09 -23.46
N ALA C 45 -6.74 -29.83 -24.11
CA ALA C 45 -5.42 -29.28 -24.39
C ALA C 45 -5.51 -28.07 -25.30
N LYS C 46 -6.01 -28.26 -26.52
CA LYS C 46 -5.99 -27.18 -27.51
C LYS C 46 -6.84 -25.99 -27.10
N GLU C 47 -7.72 -26.16 -26.11
CA GLU C 47 -8.61 -25.09 -25.70
C GLU C 47 -8.02 -24.18 -24.63
N ASP C 48 -6.78 -24.43 -24.20
CA ASP C 48 -6.15 -23.60 -23.18
C ASP C 48 -5.19 -22.63 -23.83
N PRO C 49 -5.45 -21.32 -23.82
CA PRO C 49 -4.51 -20.35 -24.38
C PRO C 49 -3.35 -19.97 -23.47
N LEU C 50 -3.10 -20.73 -22.41
CA LEU C 50 -1.93 -20.50 -21.55
C LEU C 50 -1.00 -21.70 -21.57
N LEU C 51 -1.51 -22.90 -21.30
CA LEU C 51 -0.71 -24.11 -21.41
C LEU C 51 -0.01 -24.16 -22.76
N THR C 52 -0.77 -23.94 -23.83
CA THR C 52 -0.23 -23.91 -25.19
C THR C 52 -0.38 -22.50 -25.75
N PRO C 53 0.67 -21.68 -25.72
CA PRO C 53 0.53 -20.28 -26.16
C PRO C 53 -0.06 -20.20 -27.56
N VAL C 54 -0.96 -19.25 -27.75
CA VAL C 54 -1.72 -19.13 -28.99
C VAL C 54 -1.07 -18.03 -29.84
N PRO C 55 -1.08 -18.13 -31.17
CA PRO C 55 -0.44 -17.09 -31.99
C PRO C 55 -1.18 -15.77 -31.89
N ALA C 56 -0.53 -14.72 -32.39
CA ALA C 56 -1.08 -13.37 -32.28
C ALA C 56 -2.44 -13.26 -32.96
N SER C 57 -2.76 -14.15 -33.89
CA SER C 57 -4.09 -14.15 -34.49
C SER C 57 -5.17 -14.42 -33.47
N GLU C 58 -4.83 -14.99 -32.32
CA GLU C 58 -5.76 -15.25 -31.23
C GLU C 58 -5.23 -14.63 -29.94
N ASN C 59 -4.79 -13.38 -30.04
CA ASN C 59 -4.27 -12.62 -28.90
C ASN C 59 -4.91 -11.24 -28.91
N PRO C 60 -6.19 -11.14 -28.56
CA PRO C 60 -6.87 -9.84 -28.63
C PRO C 60 -6.18 -8.73 -27.85
N PHE C 61 -5.26 -9.07 -26.96
CA PHE C 61 -4.51 -8.05 -26.23
C PHE C 61 -3.33 -7.52 -27.04
N ARG C 62 -2.67 -8.37 -27.82
CA ARG C 62 -1.50 -7.95 -28.60
C ARG C 62 -1.91 -7.27 -29.88
N GLU C 63 -2.60 -7.99 -30.77
CA GLU C 63 -3.05 -7.46 -32.05
C GLU C 63 -4.21 -8.33 -32.56
N LYS C 64 -5.43 -7.82 -32.42
CA LYS C 64 -6.61 -8.50 -32.95
C LYS C 64 -7.81 -7.57 -32.83
N LYS C 65 -8.98 -8.10 -33.17
CA LYS C 65 -10.22 -7.34 -33.09
C LYS C 65 -10.46 -6.86 -31.66
N PHE C 66 -10.44 -5.54 -31.49
CA PHE C 66 -10.66 -4.92 -30.19
C PHE C 66 -11.66 -3.77 -30.32
N PHE C 67 -12.72 -4.00 -31.09
CA PHE C 67 -13.75 -2.98 -31.29
C PHE C 67 -15.13 -3.61 -31.24
N VAL D 200 48.66 21.82 -20.13
CA VAL D 200 47.82 20.67 -19.85
C VAL D 200 46.44 20.88 -20.43
N THR D 201 46.26 20.47 -21.69
CA THR D 201 45.02 20.69 -22.42
C THR D 201 44.13 19.46 -22.45
N LEU D 202 44.65 18.32 -22.92
CA LEU D 202 43.83 17.11 -23.01
C LEU D 202 43.35 16.67 -21.64
N THR D 203 44.21 16.75 -20.63
CA THR D 203 43.81 16.34 -19.29
C THR D 203 42.66 17.20 -18.76
N LEU D 204 42.76 18.52 -18.95
CA LEU D 204 41.71 19.40 -18.48
C LEU D 204 40.42 19.19 -19.25
N VAL D 205 40.51 18.96 -20.56
CA VAL D 205 39.30 18.68 -21.34
C VAL D 205 38.65 17.40 -20.86
N CYS D 206 39.46 16.37 -20.56
CA CYS D 206 38.91 15.12 -20.05
C CYS D 206 38.25 15.32 -18.68
N LEU D 207 38.87 16.14 -17.84
CA LEU D 207 38.28 16.43 -16.53
C LEU D 207 36.93 17.13 -16.69
N ALA D 208 36.86 18.11 -17.59
CA ALA D 208 35.59 18.78 -17.86
C ALA D 208 34.57 17.79 -18.42
N GLY D 209 35.02 16.84 -19.24
CA GLY D 209 34.13 15.82 -19.74
C GLY D 209 33.57 14.95 -18.63
N LEU D 210 34.42 14.59 -17.67
CA LEU D 210 33.93 13.87 -16.51
C LEU D 210 32.90 14.69 -15.75
N LEU D 211 33.16 15.99 -15.61
CA LEU D 211 32.19 16.88 -14.98
C LEU D 211 30.84 16.80 -15.68
N MET D 212 30.84 16.97 -17.01
CA MET D 212 29.59 16.97 -17.75
C MET D 212 28.88 15.63 -17.62
N LEU D 213 29.62 14.53 -17.77
CA LEU D 213 29.02 13.21 -17.71
C LEU D 213 28.38 12.96 -16.36
N LEU D 214 29.10 13.26 -15.28
CA LEU D 214 28.54 13.05 -13.94
C LEU D 214 27.31 13.92 -13.73
N THR D 215 27.38 15.19 -14.13
CA THR D 215 26.23 16.08 -13.96
C THR D 215 25.00 15.52 -14.64
N VAL D 216 25.12 15.18 -15.93
CA VAL D 216 23.96 14.72 -16.68
C VAL D 216 23.46 13.40 -16.13
N PHE D 217 24.37 12.49 -15.79
CA PHE D 217 23.96 11.19 -15.27
C PHE D 217 23.16 11.36 -13.99
N GLY D 218 23.69 12.11 -13.02
CA GLY D 218 22.98 12.28 -11.76
C GLY D 218 21.64 12.97 -11.93
N ASN D 219 21.60 14.04 -12.72
CA ASN D 219 20.34 14.77 -12.88
C ASN D 219 19.30 13.91 -13.61
N VAL D 220 19.72 13.16 -14.63
CA VAL D 220 18.79 12.27 -15.31
C VAL D 220 18.28 11.20 -14.36
N LEU D 221 19.17 10.66 -13.53
CA LEU D 221 18.75 9.65 -12.57
C LEU D 221 17.69 10.22 -11.63
N VAL D 222 17.91 11.43 -11.12
CA VAL D 222 16.95 12.03 -10.21
C VAL D 222 15.62 12.29 -10.92
N ILE D 223 15.67 12.81 -12.14
CA ILE D 223 14.45 13.12 -12.87
C ILE D 223 13.65 11.85 -13.14
N ILE D 224 14.34 10.75 -13.47
CA ILE D 224 13.65 9.49 -13.72
C ILE D 224 13.07 8.92 -12.44
N ALA D 225 13.85 8.92 -11.35
CA ALA D 225 13.38 8.34 -10.10
C ALA D 225 12.21 9.12 -9.53
N VAL D 226 12.15 10.44 -9.77
CA VAL D 226 11.03 11.23 -9.26
C VAL D 226 9.72 10.76 -9.88
N PHE D 227 9.73 10.50 -11.19
CA PHE D 227 8.50 10.17 -11.89
C PHE D 227 8.12 8.70 -11.69
N THR D 228 9.05 7.79 -11.99
CA THR D 228 8.76 6.36 -11.96
C THR D 228 8.92 5.82 -10.54
N SER D 229 8.05 6.32 -9.66
CA SER D 229 8.01 5.84 -8.29
C SER D 229 6.72 6.27 -7.60
N ARG D 230 5.97 5.31 -7.05
CA ARG D 230 4.74 5.65 -6.35
C ARG D 230 5.02 6.46 -5.09
N ALA D 231 6.08 6.10 -4.36
CA ALA D 231 6.38 6.79 -3.11
C ALA D 231 6.69 8.26 -3.35
N LEU D 232 7.46 8.56 -4.40
CA LEU D 232 7.87 9.94 -4.67
C LEU D 232 6.78 10.70 -5.41
N LYS D 233 5.56 10.66 -4.88
CA LYS D 233 4.42 11.30 -5.53
C LYS D 233 4.07 12.65 -4.93
N ALA D 234 4.81 13.10 -3.92
CA ALA D 234 4.49 14.37 -3.29
C ALA D 234 4.67 15.52 -4.28
N PRO D 235 3.92 16.60 -4.11
CA PRO D 235 4.05 17.75 -5.03
C PRO D 235 5.40 18.44 -4.94
N GLN D 236 6.09 18.39 -3.80
CA GLN D 236 7.34 19.13 -3.64
C GLN D 236 8.37 18.71 -4.69
N ASN D 237 8.29 17.48 -5.20
CA ASN D 237 9.30 16.97 -6.10
C ASN D 237 9.32 17.70 -7.43
N LEU D 238 8.31 18.50 -7.73
CA LEU D 238 8.36 19.33 -8.94
C LEU D 238 9.58 20.24 -8.90
N PHE D 239 9.92 20.76 -7.72
CA PHE D 239 11.12 21.57 -7.59
C PHE D 239 12.37 20.77 -7.90
N LEU D 240 12.45 19.53 -7.41
CA LEU D 240 13.60 18.70 -7.71
C LEU D 240 13.72 18.45 -9.21
N VAL D 241 12.60 18.18 -9.87
CA VAL D 241 12.62 17.93 -11.31
C VAL D 241 13.07 19.18 -12.06
N SER D 242 12.54 20.34 -11.69
CA SER D 242 12.92 21.58 -12.37
C SER D 242 14.39 21.88 -12.16
N LEU D 243 14.89 21.71 -10.93
CA LEU D 243 16.30 21.97 -10.66
C LEU D 243 17.19 21.01 -11.42
N ALA D 244 16.79 19.74 -11.50
CA ALA D 244 17.56 18.78 -12.29
C ALA D 244 17.57 19.17 -13.76
N SER D 245 16.44 19.68 -14.26
CA SER D 245 16.40 20.14 -15.65
C SER D 245 17.35 21.32 -15.86
N ALA D 246 17.40 22.24 -14.90
CA ALA D 246 18.33 23.36 -15.01
C ALA D 246 19.77 22.87 -14.99
N ASP D 247 20.06 21.88 -14.14
CA ASP D 247 21.41 21.31 -14.12
C ASP D 247 21.76 20.66 -15.45
N ILE D 248 20.81 19.93 -16.05
CA ILE D 248 21.04 19.33 -17.36
C ILE D 248 21.37 20.39 -18.38
N LEU D 249 20.54 21.43 -18.44
CA LEU D 249 20.73 22.48 -19.44
C LEU D 249 22.09 23.16 -19.26
N VAL D 250 22.44 23.52 -18.03
CA VAL D 250 23.73 24.17 -17.80
C VAL D 250 24.89 23.20 -18.00
N ALA D 251 24.62 21.90 -17.98
CA ALA D 251 25.65 20.92 -18.22
C ALA D 251 25.83 20.57 -19.70
N THR D 252 24.86 20.93 -20.54
CA THR D 252 24.94 20.64 -21.97
C THR D 252 25.20 21.88 -22.81
N LEU D 253 24.41 22.94 -22.63
CA LEU D 253 24.48 24.13 -23.48
C LEU D 253 25.55 25.12 -23.05
N VAL D 254 26.28 24.85 -21.97
CA VAL D 254 27.16 25.85 -21.36
C VAL D 254 28.60 25.38 -21.27
N ILE D 255 28.83 24.29 -20.55
CA ILE D 255 30.21 23.87 -20.26
C ILE D 255 30.98 23.60 -21.54
N PRO D 256 30.43 22.95 -22.57
CA PRO D 256 31.24 22.63 -23.75
C PRO D 256 31.91 23.84 -24.38
N PHE D 257 31.27 25.00 -24.32
CA PHE D 257 31.83 26.21 -24.93
C PHE D 257 32.77 26.95 -24.00
N SER D 258 32.39 27.10 -22.73
CA SER D 258 33.21 27.85 -21.80
C SER D 258 34.44 27.06 -21.35
N LEU D 259 34.50 25.76 -21.61
CA LEU D 259 35.78 25.06 -21.46
C LEU D 259 36.69 25.35 -22.65
N ALA D 260 36.10 25.46 -23.84
CA ALA D 260 36.89 25.80 -25.02
C ALA D 260 37.47 27.20 -24.89
N ASN D 261 36.64 28.16 -24.49
CA ASN D 261 37.09 29.55 -24.43
C ASN D 261 38.29 29.70 -23.50
N GLU D 262 38.46 28.78 -22.56
CA GLU D 262 39.62 28.80 -21.68
C GLU D 262 40.75 27.92 -22.20
N VAL D 263 40.44 26.84 -22.91
CA VAL D 263 41.48 25.95 -23.42
C VAL D 263 42.20 26.58 -24.60
N MET D 264 41.46 26.85 -25.69
CA MET D 264 42.10 27.42 -26.87
C MET D 264 42.72 28.77 -26.56
N GLY D 265 42.21 29.47 -25.55
CA GLY D 265 42.77 30.74 -25.15
C GLY D 265 42.75 31.79 -26.24
N TYR D 266 41.66 31.90 -26.98
CA TYR D 266 41.59 32.82 -28.11
C TYR D 266 40.14 33.10 -28.49
N TRP D 267 39.95 33.70 -29.66
CA TRP D 267 38.62 34.11 -30.11
C TRP D 267 37.62 32.98 -29.99
N TYR D 268 36.46 33.28 -29.42
CA TYR D 268 35.36 32.34 -29.35
C TYR D 268 35.08 31.77 -30.74
N PHE D 269 34.53 30.55 -30.76
CA PHE D 269 34.09 29.91 -32.01
C PHE D 269 32.76 30.53 -32.39
N GLY D 270 32.81 31.62 -33.13
CA GLY D 270 31.63 32.39 -33.47
C GLY D 270 31.69 33.78 -32.87
N LYS D 271 30.86 34.67 -33.39
CA LYS D 271 30.77 36.04 -32.91
C LYS D 271 29.35 36.53 -32.74
N ALA D 272 28.36 35.77 -33.20
CA ALA D 272 26.95 36.11 -33.01
C ALA D 272 26.22 35.10 -32.14
N TRP D 273 26.79 33.93 -31.90
CA TRP D 273 26.25 32.98 -30.95
C TRP D 273 26.70 33.25 -29.52
N CYS D 274 27.50 34.30 -29.30
CA CYS D 274 27.94 34.66 -27.97
C CYS D 274 26.94 35.55 -27.26
N GLU D 275 26.50 36.59 -27.93
CA GLU D 275 25.60 37.45 -27.30
C GLU D 275 24.37 36.72 -26.91
N ILE D 276 24.25 35.45 -27.17
CA ILE D 276 23.09 34.74 -26.75
C ILE D 276 23.45 33.56 -25.97
N TYR D 277 24.72 33.23 -25.83
CA TYR D 277 25.03 32.18 -24.86
C TYR D 277 25.65 32.99 -23.68
N LEU D 278 26.13 34.23 -23.84
CA LEU D 278 26.75 34.87 -22.74
C LEU D 278 25.79 35.24 -21.77
N ALA D 279 24.58 35.19 -22.19
CA ALA D 279 23.55 35.43 -21.32
C ALA D 279 22.73 34.26 -21.32
N LEU D 280 23.21 33.09 -21.73
CA LEU D 280 22.45 31.88 -21.66
C LEU D 280 23.09 30.85 -20.79
N ASP D 281 24.15 31.24 -20.15
CA ASP D 281 24.95 30.52 -19.18
C ASP D 281 24.87 31.28 -17.90
N VAL D 282 24.47 32.52 -17.88
CA VAL D 282 24.27 33.34 -16.83
C VAL D 282 22.86 33.28 -16.55
N LEU D 283 21.98 32.59 -17.24
CA LEU D 283 20.61 32.43 -16.78
C LEU D 283 20.30 31.04 -16.56
N PHE D 284 21.21 30.16 -16.81
CA PHE D 284 21.06 28.75 -16.61
C PHE D 284 21.72 28.29 -15.40
N CYS D 285 22.25 29.22 -14.59
CA CYS D 285 22.89 29.08 -13.32
C CYS D 285 22.00 29.81 -12.48
N THR D 286 21.64 31.07 -12.70
CA THR D 286 20.71 31.76 -11.82
C THR D 286 19.41 30.98 -11.63
N SER D 287 18.97 30.23 -12.63
CA SER D 287 17.84 29.33 -12.43
C SER D 287 18.12 28.36 -11.29
N SER D 288 19.32 27.77 -11.26
CA SER D 288 19.67 26.87 -10.18
C SER D 288 19.75 27.62 -8.86
N ILE D 289 20.49 28.73 -8.84
CA ILE D 289 20.71 29.46 -7.59
C ILE D 289 19.41 29.98 -7.02
N VAL D 290 18.37 30.12 -7.83
CA VAL D 290 17.07 30.54 -7.30
C VAL D 290 16.12 29.36 -7.08
N HIS D 291 16.40 28.20 -7.66
CA HIS D 291 15.68 26.99 -7.25
C HIS D 291 16.18 26.46 -5.93
N LEU D 292 17.38 26.86 -5.51
CA LEU D 292 17.84 26.57 -4.16
C LEU D 292 17.31 27.59 -3.15
N CYS D 293 16.73 28.69 -3.62
CA CYS D 293 16.01 29.62 -2.76
C CYS D 293 14.51 29.39 -2.81
N ALA D 294 14.03 28.48 -3.64
CA ALA D 294 12.63 28.08 -3.68
C ALA D 294 12.38 26.76 -2.96
N ILE D 295 13.30 25.80 -3.09
CA ILE D 295 13.24 24.59 -2.27
C ILE D 295 13.58 24.88 -0.82
N SER D 296 13.92 26.12 -0.49
CA SER D 296 14.10 26.52 0.90
C SER D 296 12.81 27.10 1.47
N LEU D 297 12.15 28.00 0.75
CA LEU D 297 10.87 28.52 1.21
C LEU D 297 9.86 27.40 1.33
N ASP D 298 9.86 26.46 0.38
CA ASP D 298 8.94 25.33 0.45
C ASP D 298 9.21 24.47 1.68
N ARG D 299 10.45 24.05 1.87
CA ARG D 299 10.82 23.22 3.00
C ARG D 299 10.90 24.00 4.30
N TYR D 300 10.58 25.29 4.27
CA TYR D 300 10.36 26.08 5.46
C TYR D 300 8.90 26.22 5.82
N TRP D 301 8.04 26.42 4.82
CA TRP D 301 6.62 26.53 5.08
C TRP D 301 6.00 25.17 5.38
N SER D 302 6.57 24.09 4.85
CA SER D 302 6.05 22.77 5.16
C SER D 302 6.46 22.29 6.55
N ILE D 303 7.14 23.13 7.33
CA ILE D 303 7.54 22.81 8.70
C ILE D 303 7.02 23.86 9.68
N THR D 304 7.18 25.15 9.35
CA THR D 304 6.75 26.19 10.27
C THR D 304 5.24 26.27 10.34
N GLN D 305 4.56 26.27 9.20
CA GLN D 305 3.10 26.28 9.12
C GLN D 305 2.69 25.03 8.36
N ALA D 306 2.55 23.92 9.08
CA ALA D 306 2.27 22.65 8.43
C ALA D 306 0.80 22.57 7.99
N ILE D 307 -0.12 22.69 8.95
CA ILE D 307 -1.53 22.48 8.66
C ILE D 307 -2.02 23.50 7.63
N GLU D 308 -1.63 24.77 7.81
CA GLU D 308 -2.08 25.80 6.88
C GLU D 308 -1.47 25.61 5.50
N TYR D 309 -0.20 25.21 5.43
CA TYR D 309 0.46 25.04 4.15
C TYR D 309 0.24 23.67 3.54
N ASN D 310 0.05 22.63 4.34
CA ASN D 310 -0.26 21.33 3.76
C ASN D 310 -1.50 21.39 2.89
N LEU D 311 -2.39 22.33 3.17
CA LEU D 311 -3.36 22.79 2.19
C LEU D 311 -2.74 23.95 1.41
N LYS D 312 -3.04 24.00 0.12
CA LYS D 312 -2.37 24.93 -0.79
C LYS D 312 -1.00 24.39 -1.21
N ARG D 313 -0.66 23.19 -0.74
CA ARG D 313 0.53 22.48 -1.20
C ARG D 313 0.19 21.57 -2.37
N THR D 314 -0.42 22.14 -3.39
CA THR D 314 -0.89 21.42 -4.56
C THR D 314 -0.24 21.98 -5.82
N PRO D 315 -0.20 21.20 -6.91
CA PRO D 315 0.54 21.65 -8.10
C PRO D 315 0.08 22.98 -8.64
N ARG D 316 -1.16 23.39 -8.37
CA ARG D 316 -1.65 24.67 -8.88
C ARG D 316 -0.75 25.82 -8.47
N ARG D 317 -0.10 25.71 -7.31
CA ARG D 317 0.81 26.75 -6.86
C ARG D 317 2.28 26.40 -7.12
N ILE D 318 2.63 25.12 -7.10
CA ILE D 318 4.02 24.73 -7.40
C ILE D 318 4.38 25.12 -8.81
N LYS D 319 3.48 24.89 -9.77
CA LYS D 319 3.76 25.28 -11.14
C LYS D 319 3.93 26.78 -11.26
N ALA D 320 3.09 27.55 -10.59
CA ALA D 320 3.22 29.00 -10.64
C ALA D 320 4.55 29.44 -10.05
N ILE D 321 4.97 28.82 -8.94
CA ILE D 321 6.25 29.16 -8.33
C ILE D 321 7.39 28.85 -9.29
N ILE D 322 7.34 27.70 -9.96
CA ILE D 322 8.41 27.32 -10.87
C ILE D 322 8.47 28.30 -12.04
N ILE D 323 7.32 28.69 -12.57
CA ILE D 323 7.32 29.66 -13.66
C ILE D 323 7.86 31.00 -13.17
N THR D 324 7.54 31.37 -11.93
CA THR D 324 8.06 32.61 -11.37
C THR D 324 9.58 32.56 -11.28
N VAL D 325 10.13 31.42 -10.86
CA VAL D 325 11.58 31.26 -10.79
C VAL D 325 12.20 31.37 -12.19
N TRP D 326 11.60 30.68 -13.16
CA TRP D 326 12.16 30.66 -14.51
C TRP D 326 12.00 31.99 -15.22
N VAL D 327 11.13 32.87 -14.74
CA VAL D 327 11.06 34.22 -15.30
C VAL D 327 11.97 35.19 -14.54
N ILE D 328 12.14 34.98 -13.22
CA ILE D 328 13.08 35.80 -12.46
C ILE D 328 14.49 35.59 -13.00
N SER D 329 14.85 34.34 -13.27
CA SER D 329 16.17 34.07 -13.81
C SER D 329 16.38 34.82 -15.12
N ALA D 330 15.39 34.76 -16.02
CA ALA D 330 15.52 35.44 -17.31
C ALA D 330 15.62 36.95 -17.13
N VAL D 331 14.84 37.50 -16.20
CA VAL D 331 14.89 38.94 -15.96
C VAL D 331 16.28 39.34 -15.46
N ILE D 332 16.89 38.49 -14.63
CA ILE D 332 18.23 38.78 -14.11
C ILE D 332 19.33 38.43 -15.10
N SER D 333 19.01 37.69 -16.16
CA SER D 333 20.00 37.35 -17.17
C SER D 333 20.20 38.50 -18.14
N PHE D 334 19.15 38.87 -18.88
CA PHE D 334 19.25 39.99 -19.79
C PHE D 334 19.53 41.27 -19.00
N PRO D 335 20.46 42.12 -19.45
CA PRO D 335 20.78 43.29 -18.62
C PRO D 335 19.67 44.34 -18.63
N GLU D 353 40.50 36.84 -32.90
CA GLU D 353 41.41 37.36 -31.90
C GLU D 353 40.67 37.91 -30.68
N PRO D 354 39.66 38.75 -30.89
CA PRO D 354 38.90 39.27 -29.75
C PRO D 354 38.25 38.14 -28.96
N ARG D 355 38.22 38.30 -27.65
CA ARG D 355 37.69 37.30 -26.74
C ARG D 355 36.35 37.76 -26.18
N CYS D 356 35.55 36.80 -25.75
CA CYS D 356 34.20 37.09 -25.25
C CYS D 356 34.22 37.15 -23.72
N GLU D 357 34.82 38.22 -23.21
CA GLU D 357 34.87 38.43 -21.77
C GLU D 357 33.48 38.74 -21.24
N ILE D 358 33.07 38.04 -20.17
CA ILE D 358 31.77 38.28 -19.59
C ILE D 358 31.58 39.78 -19.41
N ASN D 359 30.41 40.28 -19.82
CA ASN D 359 30.16 41.71 -19.79
C ASN D 359 30.34 42.26 -18.38
N ASP D 360 31.37 43.08 -18.19
CA ASP D 360 31.69 43.68 -16.90
C ASP D 360 31.54 45.18 -17.04
N GLN D 361 30.32 45.67 -16.87
CA GLN D 361 30.03 47.09 -16.81
C GLN D 361 29.86 47.50 -15.36
N LYS D 362 30.28 48.73 -15.05
CA LYS D 362 30.31 49.17 -13.66
C LYS D 362 28.93 49.12 -13.02
N TRP D 363 27.87 49.14 -13.81
CA TRP D 363 26.50 49.17 -13.29
C TRP D 363 25.72 47.89 -13.53
N TYR D 364 26.32 46.87 -14.16
CA TYR D 364 25.65 45.61 -14.42
C TYR D 364 26.15 44.47 -13.56
N VAL D 365 27.43 44.48 -13.19
CA VAL D 365 27.98 43.43 -12.34
C VAL D 365 27.39 43.52 -10.93
N ILE D 366 27.22 44.73 -10.42
CA ILE D 366 26.70 44.91 -9.07
C ILE D 366 25.28 44.35 -8.96
N SER D 367 24.41 44.76 -9.89
CA SER D 367 23.02 44.32 -9.82
C SER D 367 22.91 42.81 -10.03
N SER D 368 23.65 42.26 -10.99
CA SER D 368 23.57 40.82 -11.22
C SER D 368 24.08 40.05 -10.01
N CYS D 369 25.20 40.47 -9.43
CA CYS D 369 25.76 39.77 -8.29
C CYS D 369 24.86 39.87 -7.06
N ILE D 370 24.21 41.02 -6.85
CA ILE D 370 23.37 41.21 -5.68
C ILE D 370 21.92 40.80 -5.93
N GLY D 371 21.58 40.35 -7.13
CA GLY D 371 20.26 39.83 -7.37
C GLY D 371 20.23 38.34 -7.61
N SER D 372 21.37 37.76 -7.99
CA SER D 372 21.44 36.35 -8.35
C SER D 372 22.11 35.48 -7.30
N PHE D 373 23.01 36.02 -6.48
CA PHE D 373 23.60 35.21 -5.41
C PHE D 373 23.77 35.97 -4.11
N PHE D 374 22.96 36.99 -3.83
CA PHE D 374 22.95 37.60 -2.52
C PHE D 374 21.54 37.76 -1.98
N ALA D 375 20.52 37.63 -2.82
CA ALA D 375 19.18 37.37 -2.33
C ALA D 375 19.03 35.86 -2.11
N PRO D 376 19.39 35.01 -3.08
CA PRO D 376 19.21 33.57 -2.88
C PRO D 376 20.12 32.96 -1.84
N CYS D 377 21.10 33.69 -1.31
CA CYS D 377 21.91 33.22 -0.20
C CYS D 377 21.64 33.97 1.08
N LEU D 378 20.79 35.00 1.04
CA LEU D 378 20.26 35.64 2.24
C LEU D 378 18.81 35.23 2.49
N ILE D 379 18.33 34.22 1.77
CA ILE D 379 16.95 33.76 1.93
C ILE D 379 16.95 32.25 2.08
N MET D 380 18.09 31.60 1.83
CA MET D 380 18.30 30.21 2.21
C MET D 380 19.32 30.08 3.34
N ILE D 381 19.75 31.20 3.91
CA ILE D 381 20.55 31.17 5.13
C ILE D 381 19.79 31.75 6.32
N LEU D 382 18.77 32.57 6.09
CA LEU D 382 17.82 32.95 7.11
C LEU D 382 16.59 32.06 7.08
N VAL D 383 16.68 30.91 6.40
CA VAL D 383 15.60 29.94 6.33
C VAL D 383 16.08 28.53 6.64
N TYR D 384 17.39 28.33 6.81
CA TYR D 384 17.93 27.08 7.31
C TYR D 384 18.52 27.22 8.70
N VAL D 385 18.55 28.43 9.26
CA VAL D 385 18.86 28.59 10.67
C VAL D 385 17.62 28.50 11.54
N ARG D 386 16.44 28.45 10.93
CA ARG D 386 15.20 28.19 11.66
C ARG D 386 14.93 26.70 11.73
N ILE D 387 14.98 26.01 10.60
CA ILE D 387 14.81 24.56 10.55
C ILE D 387 15.81 23.91 11.49
N TYR D 388 16.86 24.64 11.86
CA TYR D 388 17.69 24.20 12.97
C TYR D 388 16.99 24.41 14.31
N GLN D 389 16.33 25.56 14.48
CA GLN D 389 15.60 25.83 15.70
C GLN D 389 14.41 24.89 15.84
N ILE D 390 13.58 24.80 14.79
CA ILE D 390 12.41 23.94 14.85
C ILE D 390 12.84 22.50 15.10
N ALA D 391 13.87 22.04 14.41
CA ALA D 391 14.36 20.68 14.62
C ALA D 391 14.95 20.46 15.99
N LYS D 392 14.95 21.46 16.86
CA LYS D 392 15.34 21.29 18.26
C LYS D 392 14.14 21.23 19.19
N ARG D 393 13.02 21.85 18.82
CA ARG D 393 11.79 21.80 19.60
C ARG D 393 10.89 20.64 19.18
N ARG D 394 11.33 19.78 18.27
CA ARG D 394 10.46 18.74 17.73
C ARG D 394 11.17 17.41 17.57
N THR D 395 12.28 17.19 18.25
CA THR D 395 12.92 15.87 18.21
C THR D 395 12.95 15.20 19.58
N ARG D 396 13.58 15.86 20.55
CA ARG D 396 13.62 15.39 21.93
C ARG D 396 13.91 13.88 22.02
N GLN D 397 14.64 13.36 21.04
CA GLN D 397 14.96 11.94 21.00
C GLN D 397 16.40 11.71 20.54
N ASN D 398 17.32 12.54 21.04
CA ASN D 398 18.75 12.33 20.86
C ASN D 398 19.11 12.14 19.38
N ARG D 399 18.63 13.06 18.54
CA ARG D 399 19.00 13.13 17.13
C ARG D 399 19.80 14.38 16.84
N GLU D 400 20.66 14.77 17.78
CA GLU D 400 21.35 16.06 17.68
C GLU D 400 22.24 16.12 16.45
N LYS D 401 22.98 15.04 16.18
CA LYS D 401 23.91 15.04 15.06
C LYS D 401 23.18 14.96 13.72
N ARG D 402 21.93 14.52 13.71
CA ARG D 402 21.22 14.34 12.45
C ARG D 402 20.82 15.70 11.85
N PHE D 403 19.99 16.46 12.56
CA PHE D 403 19.55 17.75 12.05
C PHE D 403 20.60 18.83 12.20
N THR D 404 21.79 18.50 12.69
CA THR D 404 22.88 19.46 12.84
C THR D 404 23.94 19.33 11.74
N PHE D 405 24.11 18.14 11.18
CA PHE D 405 25.06 17.94 10.11
C PHE D 405 24.44 18.17 8.74
N VAL D 406 23.40 17.39 8.41
CA VAL D 406 22.85 17.45 7.05
C VAL D 406 22.39 18.85 6.73
N LEU D 407 22.14 19.67 7.76
CA LEU D 407 21.77 21.06 7.51
C LEU D 407 23.03 21.93 7.34
N ALA D 408 24.21 21.35 7.55
CA ALA D 408 25.44 22.10 7.40
C ALA D 408 26.01 21.94 5.99
N VAL D 409 25.73 20.81 5.33
CA VAL D 409 26.23 20.59 3.99
C VAL D 409 25.37 21.33 2.97
N VAL D 410 24.06 21.21 3.08
CA VAL D 410 23.18 21.81 2.09
C VAL D 410 23.47 23.30 1.94
N ILE D 411 24.07 23.91 2.96
CA ILE D 411 24.59 25.26 2.81
C ILE D 411 26.11 25.25 2.78
N GLY D 412 26.74 24.27 3.40
CA GLY D 412 28.19 24.19 3.34
C GLY D 412 28.67 24.05 1.91
N VAL D 413 28.00 23.19 1.13
CA VAL D 413 28.35 23.03 -0.28
C VAL D 413 27.97 24.28 -1.07
N PHE D 414 26.77 24.80 -0.83
CA PHE D 414 26.24 25.85 -1.71
C PHE D 414 27.09 27.11 -1.65
N VAL D 415 27.83 27.31 -0.56
CA VAL D 415 28.54 28.58 -0.40
C VAL D 415 30.04 28.38 -0.57
N VAL D 416 30.53 27.15 -0.39
CA VAL D 416 31.94 26.89 -0.69
C VAL D 416 32.15 26.86 -2.20
N CYS D 417 31.22 26.23 -2.93
CA CYS D 417 31.35 26.18 -4.38
C CYS D 417 31.19 27.56 -5.01
N TRP D 418 30.12 28.28 -4.67
CA TRP D 418 29.77 29.50 -5.38
C TRP D 418 30.47 30.74 -4.87
N PHE D 419 30.34 31.07 -3.59
CA PHE D 419 30.71 32.39 -3.10
C PHE D 419 32.13 32.79 -3.49
N PRO D 420 33.11 31.89 -3.44
CA PRO D 420 34.46 32.28 -3.81
C PRO D 420 34.54 32.94 -5.18
N PHE D 421 33.53 32.71 -6.02
CA PHE D 421 33.44 33.42 -7.30
C PHE D 421 32.80 34.79 -7.14
N PHE D 422 31.54 34.83 -6.68
CA PHE D 422 30.80 36.08 -6.66
C PHE D 422 31.53 37.14 -5.84
N PHE D 423 32.21 36.73 -4.77
CA PHE D 423 32.97 37.68 -3.99
C PHE D 423 33.95 38.44 -4.86
N THR D 424 34.77 37.71 -5.63
CA THR D 424 35.72 38.35 -6.53
C THR D 424 35.01 39.12 -7.64
N TYR D 425 33.89 38.57 -8.13
CA TYR D 425 33.18 39.18 -9.24
C TYR D 425 32.78 40.61 -8.90
N THR D 426 32.14 40.80 -7.74
CA THR D 426 31.76 42.15 -7.34
C THR D 426 32.89 42.88 -6.63
N LEU D 427 33.96 42.19 -6.25
CA LEU D 427 35.13 42.86 -5.67
C LEU D 427 35.91 43.60 -6.74
N THR D 428 35.89 43.09 -7.97
CA THR D 428 36.53 43.82 -9.07
C THR D 428 35.94 45.21 -9.24
N ALA D 429 34.71 45.44 -8.73
CA ALA D 429 34.06 46.74 -8.87
C ALA D 429 34.89 47.85 -8.23
N VAL D 430 35.77 47.52 -7.30
CA VAL D 430 36.69 48.48 -6.69
C VAL D 430 38.11 48.29 -7.20
N GLY D 431 38.31 47.45 -8.20
CA GLY D 431 39.63 47.26 -8.76
C GLY D 431 40.64 46.69 -7.79
N CYS D 432 40.23 45.72 -6.99
CA CYS D 432 41.16 45.04 -6.09
C CYS D 432 42.00 44.04 -6.86
N SER D 433 43.21 43.81 -6.35
CA SER D 433 44.19 42.98 -7.05
C SER D 433 43.84 41.50 -6.96
N VAL D 434 42.76 41.10 -7.63
CA VAL D 434 42.38 39.70 -7.69
C VAL D 434 43.23 39.02 -8.76
N PRO D 435 44.01 37.98 -8.42
CA PRO D 435 44.79 37.30 -9.45
C PRO D 435 43.90 36.72 -10.54
N ARG D 436 44.41 36.76 -11.78
CA ARG D 436 43.61 36.32 -12.92
C ARG D 436 43.44 34.80 -12.94
N THR D 437 44.52 34.06 -12.68
CA THR D 437 44.42 32.60 -12.72
C THR D 437 43.49 32.09 -11.62
N LEU D 438 43.68 32.58 -10.40
CA LEU D 438 42.83 32.14 -9.30
C LEU D 438 41.37 32.48 -9.58
N PHE D 439 41.11 33.65 -10.15
CA PHE D 439 39.74 34.03 -10.48
C PHE D 439 39.17 33.13 -11.56
N LYS D 440 39.96 32.79 -12.58
CA LYS D 440 39.48 31.90 -13.63
C LYS D 440 39.35 30.46 -13.13
N PHE D 441 39.89 30.16 -11.96
CA PHE D 441 39.58 28.89 -11.30
C PHE D 441 38.30 29.00 -10.46
N PHE D 442 38.14 30.08 -9.70
CA PHE D 442 36.89 30.31 -8.98
C PHE D 442 35.71 30.31 -9.93
N PHE D 443 35.93 30.73 -11.16
CA PHE D 443 34.86 30.79 -12.15
C PHE D 443 34.22 29.43 -12.35
N TRP D 444 34.96 28.35 -12.11
CA TRP D 444 34.58 27.02 -12.58
C TRP D 444 33.97 26.14 -11.49
N PHE D 445 33.63 26.71 -10.33
CA PHE D 445 32.96 25.94 -9.28
C PHE D 445 31.46 25.87 -9.47
N GLY D 446 30.87 26.84 -10.17
CA GLY D 446 29.43 26.81 -10.35
C GLY D 446 28.95 25.52 -11.00
N TYR D 447 29.64 25.08 -12.04
CA TYR D 447 29.22 23.88 -12.75
C TYR D 447 29.40 22.63 -11.88
N CYS D 448 30.52 22.56 -11.15
CA CYS D 448 30.70 21.41 -10.27
C CYS D 448 29.65 21.38 -9.18
N ASN D 449 29.16 22.55 -8.76
CA ASN D 449 28.05 22.57 -7.82
C ASN D 449 26.76 22.13 -8.48
N SER D 450 26.52 22.55 -9.72
CA SER D 450 25.37 22.04 -10.45
C SER D 450 25.42 20.53 -10.56
N SER D 451 26.63 19.96 -10.53
CA SER D 451 26.80 18.51 -10.51
C SER D 451 26.48 17.92 -9.15
N LEU D 452 27.07 18.49 -8.09
CA LEU D 452 26.88 17.97 -6.74
C LEU D 452 25.46 18.17 -6.21
N ASN D 453 24.68 19.03 -6.85
CA ASN D 453 23.37 19.36 -6.29
C ASN D 453 22.44 18.16 -6.20
N PRO D 454 22.22 17.37 -7.26
CA PRO D 454 21.22 16.30 -7.15
C PRO D 454 21.48 15.32 -6.02
N VAL D 455 22.73 14.98 -5.75
CA VAL D 455 23.01 14.01 -4.70
C VAL D 455 22.73 14.61 -3.32
N ILE D 456 23.06 15.89 -3.13
CA ILE D 456 22.83 16.54 -1.84
C ILE D 456 21.37 16.51 -1.47
N TYR D 457 20.49 16.84 -2.42
CA TYR D 457 19.06 16.96 -2.16
C TYR D 457 18.33 15.63 -2.29
N THR D 458 19.01 14.54 -2.59
CA THR D 458 18.33 13.27 -2.84
C THR D 458 18.86 12.12 -1.99
N ILE D 459 20.16 12.10 -1.67
CA ILE D 459 20.73 10.96 -0.96
C ILE D 459 20.00 10.75 0.35
N PHE D 460 19.86 11.81 1.16
CA PHE D 460 19.44 11.62 2.53
C PHE D 460 18.01 11.13 2.63
N ASN D 461 17.13 11.59 1.73
CA ASN D 461 15.74 11.15 1.76
C ASN D 461 15.66 9.65 1.51
N HIS D 462 14.86 8.96 2.32
CA HIS D 462 14.79 7.50 2.24
C HIS D 462 14.14 7.04 0.94
N ASP D 463 13.06 7.69 0.52
CA ASP D 463 12.36 7.27 -0.68
C ASP D 463 13.24 7.43 -1.92
N PHE D 464 13.95 8.55 -2.02
CA PHE D 464 14.87 8.73 -3.14
C PHE D 464 15.97 7.67 -3.12
N ARG D 465 16.49 7.35 -1.94
CA ARG D 465 17.53 6.33 -1.86
C ARG D 465 17.00 4.97 -2.31
N ARG D 466 15.77 4.63 -1.90
CA ARG D 466 15.18 3.36 -2.33
C ARG D 466 14.98 3.34 -3.84
N ALA D 467 14.52 4.45 -4.41
CA ALA D 467 14.36 4.51 -5.85
C ALA D 467 15.70 4.37 -6.56
N PHE D 468 16.75 4.99 -6.01
CA PHE D 468 18.08 4.86 -6.59
C PHE D 468 18.54 3.41 -6.55
N LYS D 469 18.34 2.74 -5.43
CA LYS D 469 18.74 1.34 -5.33
C LYS D 469 17.96 0.48 -6.32
N LYS D 470 16.67 0.76 -6.49
CA LYS D 470 15.85 -0.04 -7.38
C LYS D 470 16.21 0.18 -8.84
N ILE D 471 16.54 1.41 -9.23
CA ILE D 471 16.79 1.74 -10.63
C ILE D 471 18.23 1.44 -10.99
N LEU D 472 19.17 2.10 -10.31
CA LEU D 472 20.59 1.89 -10.62
C LEU D 472 21.00 0.45 -10.35
N CYS D 473 20.53 -0.12 -9.24
CA CYS D 473 20.86 -1.50 -8.90
C CYS D 473 19.60 -2.36 -8.89
#